data_1L1O
#
_entry.id   1L1O
#
_cell.length_a   88.527
_cell.length_b   88.527
_cell.length_c   341.090
_cell.angle_alpha   90.00
_cell.angle_beta   90.00
_cell.angle_gamma   120.00
#
_symmetry.space_group_name_H-M   'P 31 2 1'
#
loop_
_entity.id
_entity.type
_entity.pdbx_description
1 polymer 'Replication protein A 14 kDa subunit'
2 polymer 'Replication protein A 32 kDa subunit'
3 polymer 'Replication protein A 70 kDa DNA-binding subunit'
4 non-polymer 'ZINC ION'
#
loop_
_entity_poly.entity_id
_entity_poly.type
_entity_poly.pdbx_seq_one_letter_code
_entity_poly.pdbx_strand_id
1 'polypeptide(L)'
;MVDMMDLPRSRINAGMLAQFIDKPVCFVGRLEKIHPTGKMFILSDGEGKNGTIELMEPLDEEISGIVEVVGRVTAKATIL
CTSYVQFKEDSHPFDLGLYNEAVKIIHDFPQFYPLGIVQHD
;
A,D
2 'polypeptide(L)'
;QHIVPCTISQLLSATLVDEVFRIGNVEISQVTIVGIIRHAEKAPTNIVYKIDDMTAAPMDVRQWVDTDDTSSENTVVPPE
TYVKVAGHLRSFQNKKSLVAFKIMPLEDMNEFTTHILEVINAHMVLSK
;
B,E
3 'polypeptide(L)'
;GGSNTNWKTLYEVKSENLGQGDKPDYFSSVATVVYLRKENCMYQACPTQDCNKKVIDQQNGLYRCEKCDTEFPNFKYRMI
LSVNIADFQENQWVTCFQESAEAILGQNAAYLGELKDKNEQAFEEVFQNANFRSFIFRVRVKVETYNDESRIKATVMDVK
PVDYREYGRRLVMSIRRSALM
;
C,F
#
loop_
_chem_comp.id
_chem_comp.type
_chem_comp.name
_chem_comp.formula
ZN non-polymer 'ZINC ION' 'Zn 2'
#
# COMPACT_ATOMS: atom_id res chain seq x y z
N ASP A 3 -2.89 39.59 2.53
CA ASP A 3 -3.26 38.47 1.63
C ASP A 3 -2.45 37.16 1.66
N MET A 4 -3.19 36.08 1.42
CA MET A 4 -2.73 34.69 1.46
C MET A 4 -2.15 34.07 0.21
N MET A 5 -2.41 34.69 -0.93
CA MET A 5 -1.92 34.14 -2.18
C MET A 5 -0.38 34.10 -2.21
N ASP A 6 0.25 34.75 -1.24
CA ASP A 6 1.70 34.80 -1.18
C ASP A 6 2.35 34.03 -0.03
N LEU A 7 1.58 33.13 0.56
CA LEU A 7 2.04 32.28 1.65
C LEU A 7 1.76 30.85 1.31
N PRO A 8 2.32 29.91 2.08
CA PRO A 8 2.00 28.51 1.75
C PRO A 8 0.52 28.32 2.15
N ARG A 9 -0.17 27.43 1.44
CA ARG A 9 -1.57 27.14 1.65
C ARG A 9 -1.72 25.62 1.59
N SER A 10 -1.84 24.98 2.74
CA SER A 10 -1.92 23.51 2.85
C SER A 10 -3.12 22.82 2.27
N ARG A 11 -2.83 21.78 1.52
CA ARG A 11 -3.92 21.03 0.94
C ARG A 11 -4.51 20.11 2.05
N ILE A 12 -5.83 20.13 2.16
CA ILE A 12 -6.50 19.33 3.16
C ILE A 12 -7.89 18.83 2.75
N ASN A 13 -8.47 17.97 3.60
CA ASN A 13 -9.84 17.43 3.42
C ASN A 13 -10.53 17.79 4.71
N ALA A 14 -11.83 17.54 4.79
CA ALA A 14 -12.64 17.85 5.98
C ALA A 14 -12.00 17.33 7.29
N GLY A 15 -11.51 16.11 7.25
CA GLY A 15 -10.85 15.56 8.42
C GLY A 15 -9.82 16.44 9.13
N MET A 16 -9.17 17.34 8.40
CA MET A 16 -8.12 18.25 8.93
C MET A 16 -8.59 19.63 9.39
N LEU A 17 -9.72 20.07 8.84
CA LEU A 17 -10.24 21.42 9.15
C LEU A 17 -10.00 21.94 10.57
N ALA A 18 -10.14 21.05 11.55
CA ALA A 18 -9.94 21.41 12.93
C ALA A 18 -8.45 21.43 13.35
N GLN A 19 -7.56 20.84 12.57
CA GLN A 19 -6.16 20.97 12.99
C GLN A 19 -5.63 22.21 12.24
N PHE A 20 -6.46 22.82 11.41
CA PHE A 20 -5.98 23.98 10.67
C PHE A 20 -6.71 25.28 10.96
N ILE A 21 -7.20 25.37 12.18
CA ILE A 21 -7.90 26.58 12.50
C ILE A 21 -6.97 27.79 12.38
N ASP A 22 -7.47 28.78 11.67
CA ASP A 22 -6.75 30.01 11.44
C ASP A 22 -5.62 29.90 10.44
N LYS A 23 -5.55 28.77 9.73
CA LYS A 23 -4.47 28.61 8.78
C LYS A 23 -4.93 28.74 7.33
N PRO A 24 -4.07 29.31 6.45
CA PRO A 24 -4.44 29.48 5.05
C PRO A 24 -4.34 28.14 4.43
N VAL A 25 -5.43 27.72 3.79
CA VAL A 25 -5.49 26.41 3.19
C VAL A 25 -6.01 26.42 1.78
N CYS A 26 -5.97 25.20 1.27
CA CYS A 26 -6.39 24.84 -0.03
C CYS A 26 -7.28 23.54 0.08
N PHE A 27 -8.59 23.72 -0.06
CA PHE A 27 -9.57 22.65 0.05
C PHE A 27 -10.08 22.19 -1.30
N VAL A 28 -9.99 20.92 -1.62
CA VAL A 28 -10.54 20.52 -2.90
C VAL A 28 -11.64 19.53 -2.69
N GLY A 29 -12.77 19.81 -3.29
CA GLY A 29 -13.88 18.90 -3.16
C GLY A 29 -14.94 19.13 -4.19
N ARG A 30 -15.96 18.29 -4.17
CA ARG A 30 -17.10 18.43 -5.07
C ARG A 30 -18.26 19.25 -4.48
N LEU A 31 -18.77 20.15 -5.31
CA LEU A 31 -19.87 21.01 -4.91
C LEU A 31 -21.08 20.13 -4.76
N GLU A 32 -21.74 20.32 -3.61
CA GLU A 32 -22.93 19.59 -3.18
C GLU A 32 -24.10 20.58 -3.07
N LYS A 33 -23.99 21.61 -2.25
CA LYS A 33 -25.10 22.56 -2.12
C LYS A 33 -24.66 24.01 -1.95
N ILE A 34 -25.32 24.91 -2.65
CA ILE A 34 -24.98 26.30 -2.48
C ILE A 34 -26.15 27.12 -1.87
N HIS A 35 -25.87 27.81 -0.78
CA HIS A 35 -26.84 28.67 -0.07
C HIS A 35 -27.61 29.51 -1.08
N PRO A 36 -28.82 29.97 -0.72
CA PRO A 36 -29.60 30.79 -1.66
C PRO A 36 -28.87 32.07 -2.00
N THR A 37 -28.48 32.78 -0.96
CA THR A 37 -27.75 34.04 -1.10
C THR A 37 -26.33 33.77 -1.61
N GLY A 38 -26.14 32.67 -2.34
CA GLY A 38 -24.84 32.30 -2.88
C GLY A 38 -23.62 32.89 -2.18
N LYS A 39 -23.57 32.77 -0.87
CA LYS A 39 -22.44 33.29 -0.10
C LYS A 39 -21.86 32.15 0.71
N MET A 40 -22.48 30.98 0.61
CA MET A 40 -22.03 29.84 1.39
C MET A 40 -22.33 28.52 0.72
N PHE A 41 -21.36 27.94 0.04
CA PHE A 41 -21.63 26.65 -0.54
C PHE A 41 -20.84 25.62 0.24
N ILE A 42 -21.11 24.35 -0.02
CA ILE A 42 -20.41 23.31 0.70
C ILE A 42 -19.77 22.37 -0.29
N LEU A 43 -18.71 21.73 0.15
CA LEU A 43 -18.01 20.83 -0.69
C LEU A 43 -17.75 19.54 0.08
N SER A 44 -17.84 18.45 -0.67
CA SER A 44 -17.61 17.14 -0.13
C SER A 44 -16.21 16.71 -0.58
N ASP A 45 -15.35 16.47 0.38
CA ASP A 45 -14.00 16.10 0.10
C ASP A 45 -13.93 14.73 -0.56
N GLY A 46 -12.74 14.15 -0.64
CA GLY A 46 -12.58 12.87 -1.31
C GLY A 46 -12.92 11.61 -0.56
N GLU A 47 -13.26 11.75 0.71
CA GLU A 47 -13.65 10.60 1.50
C GLU A 47 -15.12 10.79 1.91
N GLY A 48 -15.74 11.85 1.40
CA GLY A 48 -17.12 12.10 1.70
C GLY A 48 -17.40 13.13 2.76
N LYS A 49 -16.46 13.36 3.67
CA LYS A 49 -16.65 14.39 4.72
C LYS A 49 -16.97 15.77 4.04
N ASN A 50 -17.68 16.63 4.75
CA ASN A 50 -18.12 17.90 4.18
C ASN A 50 -17.51 19.17 4.71
N GLY A 51 -17.16 20.04 3.76
CA GLY A 51 -16.55 21.31 4.13
C GLY A 51 -17.48 22.47 3.84
N THR A 52 -17.51 23.43 4.73
CA THR A 52 -18.37 24.56 4.52
C THR A 52 -17.56 25.78 4.12
N ILE A 53 -17.71 26.18 2.87
CA ILE A 53 -17.00 27.31 2.32
C ILE A 53 -17.85 28.56 2.43
N GLU A 54 -17.32 29.62 3.06
CA GLU A 54 -18.03 30.90 3.19
C GLU A 54 -17.35 31.94 2.35
N LEU A 55 -18.15 32.74 1.65
CA LEU A 55 -17.59 33.80 0.80
C LEU A 55 -17.89 35.17 1.38
N MET A 56 -16.88 36.04 1.41
CA MET A 56 -17.09 37.38 1.91
C MET A 56 -18.07 38.04 0.95
N GLU A 57 -18.16 37.52 -0.27
CA GLU A 57 -19.07 38.07 -1.29
C GLU A 57 -19.77 37.06 -2.18
N PRO A 58 -21.02 37.36 -2.60
CA PRO A 58 -21.93 36.57 -3.47
C PRO A 58 -21.38 36.19 -4.84
N LEU A 59 -21.70 34.97 -5.22
CA LEU A 59 -21.28 34.38 -6.47
C LEU A 59 -21.75 34.95 -7.81
N ASP A 60 -20.80 35.14 -8.73
CA ASP A 60 -21.15 35.62 -10.05
C ASP A 60 -21.74 34.42 -10.77
N GLU A 61 -20.89 33.53 -11.29
CA GLU A 61 -21.34 32.34 -12.02
C GLU A 61 -21.76 31.17 -11.16
N GLU A 62 -22.03 30.06 -11.82
CA GLU A 62 -22.47 28.82 -11.18
C GLU A 62 -21.30 27.89 -10.87
N ILE A 63 -21.01 27.64 -9.60
CA ILE A 63 -19.95 26.71 -9.29
C ILE A 63 -20.64 25.38 -9.55
N SER A 64 -19.89 24.30 -9.51
CA SER A 64 -20.43 22.96 -9.74
C SER A 64 -19.27 22.03 -10.04
N GLY A 65 -19.43 20.73 -9.77
CA GLY A 65 -18.37 19.80 -10.06
C GLY A 65 -17.25 19.97 -9.07
N ILE A 66 -16.09 19.40 -9.38
CA ILE A 66 -14.92 19.53 -8.52
C ILE A 66 -14.47 21.00 -8.49
N VAL A 67 -14.26 21.52 -7.28
CA VAL A 67 -13.78 22.89 -7.07
C VAL A 67 -12.63 22.98 -6.06
N GLU A 68 -11.69 23.89 -6.31
CA GLU A 68 -10.57 24.06 -5.41
C GLU A 68 -10.71 25.41 -4.76
N VAL A 69 -10.74 25.41 -3.44
CA VAL A 69 -10.85 26.66 -2.74
C VAL A 69 -9.61 26.97 -1.94
N VAL A 70 -9.29 28.24 -1.85
CA VAL A 70 -8.12 28.66 -1.07
C VAL A 70 -8.77 29.61 -0.10
N GLY A 71 -8.33 29.59 1.13
CA GLY A 71 -8.91 30.50 2.10
C GLY A 71 -8.30 30.19 3.42
N ARG A 72 -8.83 30.81 4.46
CA ARG A 72 -8.29 30.59 5.80
C ARG A 72 -9.31 29.89 6.71
N VAL A 73 -8.89 28.85 7.42
CA VAL A 73 -9.78 28.15 8.35
C VAL A 73 -10.34 29.08 9.48
N THR A 74 -11.67 29.09 9.69
CA THR A 74 -12.29 29.95 10.72
C THR A 74 -12.21 29.33 12.10
N ALA A 75 -12.64 30.08 13.13
CA ALA A 75 -12.60 29.52 14.49
C ALA A 75 -13.67 28.42 14.56
N LYS A 76 -14.71 28.57 13.72
CA LYS A 76 -15.80 27.59 13.62
C LYS A 76 -15.51 26.52 12.56
N ALA A 77 -14.25 26.18 12.36
CA ALA A 77 -13.86 25.17 11.40
C ALA A 77 -14.40 25.27 10.00
N THR A 78 -14.48 26.48 9.46
CA THR A 78 -14.90 26.68 8.08
C THR A 78 -13.84 27.46 7.32
N ILE A 79 -14.05 27.59 6.02
CA ILE A 79 -13.09 28.31 5.21
C ILE A 79 -13.63 29.60 4.65
N LEU A 80 -13.00 30.71 5.03
CA LEU A 80 -13.39 32.01 4.49
C LEU A 80 -12.62 32.02 3.16
N CYS A 81 -13.35 31.76 2.09
CA CYS A 81 -12.76 31.66 0.76
C CYS A 81 -12.26 32.92 0.03
N THR A 82 -10.96 32.97 -0.24
CA THR A 82 -10.39 34.11 -0.95
C THR A 82 -10.37 33.92 -2.47
N SER A 83 -10.39 32.68 -2.93
CA SER A 83 -10.35 32.46 -4.36
C SER A 83 -10.75 31.03 -4.60
N TYR A 84 -11.24 30.73 -5.79
CA TYR A 84 -11.62 29.36 -6.08
C TYR A 84 -11.52 29.15 -7.55
N VAL A 85 -11.28 27.93 -7.95
CA VAL A 85 -11.16 27.65 -9.35
C VAL A 85 -11.95 26.38 -9.56
N GLN A 86 -12.48 26.20 -10.77
CA GLN A 86 -13.23 24.98 -11.08
C GLN A 86 -12.42 24.03 -11.95
N PHE A 87 -12.16 22.82 -11.48
CA PHE A 87 -11.40 21.89 -12.29
C PHE A 87 -12.09 21.56 -13.62
N LYS A 88 -11.24 21.40 -14.63
CA LYS A 88 -11.59 21.10 -16.01
C LYS A 88 -11.84 19.61 -16.10
N GLU A 89 -13.03 19.18 -16.51
CA GLU A 89 -13.20 17.73 -16.60
C GLU A 89 -13.63 17.25 -17.99
N ASP A 90 -13.77 18.18 -18.93
CA ASP A 90 -14.22 17.84 -20.28
C ASP A 90 -13.42 16.72 -20.96
N SER A 91 -12.34 16.28 -20.38
CA SER A 91 -11.66 15.22 -21.05
C SER A 91 -11.76 13.97 -20.22
N HIS A 92 -11.43 14.12 -18.95
CA HIS A 92 -11.47 13.00 -18.02
C HIS A 92 -12.01 13.48 -16.68
N PRO A 93 -12.73 12.59 -15.99
CA PRO A 93 -13.31 12.92 -14.69
C PRO A 93 -12.22 12.87 -13.61
N PHE A 94 -12.13 13.95 -12.84
CA PHE A 94 -11.11 14.02 -11.81
C PHE A 94 -11.36 13.02 -10.72
N ASP A 95 -10.42 12.12 -10.49
CA ASP A 95 -10.56 11.11 -9.45
C ASP A 95 -10.28 11.69 -8.07
N LEU A 96 -11.36 12.17 -7.42
CA LEU A 96 -11.32 12.78 -6.08
C LEU A 96 -10.85 11.89 -4.93
N GLY A 97 -11.03 10.59 -5.02
CA GLY A 97 -10.58 9.72 -3.95
C GLY A 97 -9.08 9.56 -4.01
N LEU A 98 -8.55 9.61 -5.24
CA LEU A 98 -7.10 9.54 -5.43
C LEU A 98 -6.55 10.88 -4.93
N TYR A 99 -7.16 11.96 -5.35
CA TYR A 99 -6.65 13.21 -4.86
C TYR A 99 -6.50 13.12 -3.32
N ASN A 100 -7.51 12.53 -2.65
CA ASN A 100 -7.55 12.39 -1.18
C ASN A 100 -6.44 11.56 -0.67
N GLU A 101 -6.10 10.48 -1.34
CA GLU A 101 -5.00 9.68 -0.84
C GLU A 101 -3.70 10.48 -0.91
N ALA A 102 -3.58 11.35 -1.93
CA ALA A 102 -2.39 12.21 -2.11
C ALA A 102 -2.31 13.16 -0.95
N VAL A 103 -3.44 13.81 -0.69
CA VAL A 103 -3.50 14.76 0.42
C VAL A 103 -3.05 14.13 1.76
N LYS A 104 -3.40 12.87 1.98
CA LYS A 104 -2.98 12.25 3.23
C LYS A 104 -1.53 11.90 3.14
N ILE A 105 -1.10 11.56 1.92
CA ILE A 105 0.31 11.27 1.75
C ILE A 105 1.16 12.54 1.98
N ILE A 106 0.69 13.67 1.43
CA ILE A 106 1.40 14.92 1.70
C ILE A 106 1.65 15.09 3.24
N HIS A 107 0.59 14.93 4.04
CA HIS A 107 0.70 15.09 5.47
C HIS A 107 1.45 14.02 6.20
N ASP A 108 1.41 12.78 5.69
CA ASP A 108 2.22 11.75 6.35
C ASP A 108 3.67 11.97 6.07
N PHE A 109 4.03 12.69 5.00
CA PHE A 109 5.45 12.94 4.71
C PHE A 109 5.81 14.41 4.41
N PRO A 110 5.60 15.29 5.38
CA PRO A 110 5.93 16.69 5.09
C PRO A 110 7.38 16.92 4.72
N GLN A 111 8.29 16.04 5.08
CA GLN A 111 9.69 16.29 4.70
C GLN A 111 9.90 16.18 3.16
N PHE A 112 8.93 15.59 2.48
CA PHE A 112 8.95 15.39 1.05
C PHE A 112 7.95 16.26 0.31
N TYR A 113 7.34 17.17 1.01
CA TYR A 113 6.39 18.02 0.35
C TYR A 113 6.20 19.08 1.40
N PRO A 114 7.16 20.04 1.53
CA PRO A 114 7.18 21.12 2.50
C PRO A 114 6.07 22.11 2.31
N LEU A 115 5.58 22.71 3.39
CA LEU A 115 4.50 23.65 3.26
C LEU A 115 4.51 24.64 4.37
N GLY A 116 5.71 25.06 4.82
CA GLY A 116 5.86 26.06 5.90
C GLY A 116 6.55 27.35 5.47
N ILE A 117 7.20 28.00 6.46
CA ILE A 117 7.95 29.30 6.40
C ILE A 117 6.91 30.42 6.26
N GLN B 1 20.73 15.40 -17.65
CA GLN B 1 20.32 13.95 -17.63
C GLN B 1 18.97 13.68 -16.91
N HIS B 2 18.98 13.00 -15.74
CA HIS B 2 17.71 12.69 -15.07
C HIS B 2 16.97 13.97 -14.81
N ILE B 3 15.64 13.87 -14.62
CA ILE B 3 14.79 15.05 -14.42
C ILE B 3 13.82 14.89 -13.21
N VAL B 4 13.97 15.78 -12.24
CA VAL B 4 13.27 15.75 -10.96
C VAL B 4 11.95 16.48 -10.68
N PRO B 5 10.93 15.76 -10.25
CA PRO B 5 9.63 16.35 -9.94
C PRO B 5 9.71 17.10 -8.58
N CYS B 6 9.28 18.36 -8.53
CA CYS B 6 9.36 19.12 -7.29
C CYS B 6 8.21 20.02 -7.06
N THR B 7 8.33 20.73 -5.95
CA THR B 7 7.30 21.68 -5.60
C THR B 7 8.13 22.95 -5.56
N ILE B 8 7.46 24.09 -5.71
CA ILE B 8 8.16 25.33 -5.67
C ILE B 8 8.84 25.44 -4.33
N SER B 9 8.10 25.27 -3.26
CA SER B 9 8.67 25.33 -1.92
C SER B 9 10.04 24.61 -1.92
N GLN B 10 10.13 23.39 -2.44
CA GLN B 10 11.45 22.78 -2.43
C GLN B 10 12.48 23.53 -3.32
N LEU B 11 12.05 24.06 -4.46
CA LEU B 11 13.00 24.79 -5.29
C LEU B 11 13.61 25.95 -4.46
N LEU B 12 12.77 26.80 -3.90
CA LEU B 12 13.18 27.91 -3.02
C LEU B 12 14.24 27.55 -1.98
N SER B 13 14.17 26.32 -1.48
CA SER B 13 15.10 25.82 -0.49
C SER B 13 16.42 25.35 -1.05
N ALA B 14 16.48 25.11 -2.35
CA ALA B 14 17.71 24.57 -2.83
C ALA B 14 18.82 25.57 -2.69
N THR B 15 20.02 25.05 -2.47
CA THR B 15 21.18 25.87 -2.38
C THR B 15 22.14 25.56 -3.49
N LEU B 16 22.95 26.57 -3.81
CA LEU B 16 23.94 26.52 -4.87
C LEU B 16 25.41 26.29 -4.53
N VAL B 17 25.67 25.38 -3.59
CA VAL B 17 27.06 25.07 -3.22
C VAL B 17 27.85 24.70 -4.50
N ASP B 18 29.05 25.25 -4.67
CA ASP B 18 29.95 25.03 -5.84
C ASP B 18 29.25 25.14 -7.20
N GLU B 19 28.50 26.23 -7.37
CA GLU B 19 27.73 26.48 -8.57
C GLU B 19 26.96 25.21 -9.04
N VAL B 20 26.18 24.64 -8.12
CA VAL B 20 25.38 23.45 -8.43
C VAL B 20 24.11 23.66 -7.61
N PHE B 21 23.25 22.65 -7.51
CA PHE B 21 21.99 22.85 -6.80
C PHE B 21 21.55 21.63 -6.02
N ARG B 22 21.24 21.87 -4.75
CA ARG B 22 20.79 20.77 -3.90
C ARG B 22 19.52 20.97 -3.05
N ILE B 23 18.68 19.96 -3.00
CA ILE B 23 17.53 20.02 -2.13
C ILE B 23 17.93 18.89 -1.18
N GLY B 24 18.55 19.28 -0.08
CA GLY B 24 19.07 18.30 0.85
C GLY B 24 20.27 17.67 0.15
N ASN B 25 20.41 16.36 0.20
CA ASN B 25 21.53 15.72 -0.46
C ASN B 25 21.28 15.42 -1.94
N VAL B 26 20.27 16.07 -2.49
CA VAL B 26 19.90 15.83 -3.88
C VAL B 26 20.33 16.95 -4.80
N GLU B 27 21.10 16.59 -5.82
CA GLU B 27 21.57 17.57 -6.80
C GLU B 27 20.42 17.76 -7.82
N ILE B 28 19.96 18.99 -8.04
CA ILE B 28 18.91 19.14 -9.03
C ILE B 28 19.24 20.12 -10.17
N SER B 29 19.02 19.63 -11.39
CA SER B 29 19.28 20.37 -12.63
C SER B 29 17.93 20.64 -13.30
N GLN B 30 17.46 19.63 -14.01
CA GLN B 30 16.18 19.67 -14.68
C GLN B 30 15.16 19.32 -13.60
N VAL B 31 14.02 19.98 -13.67
CA VAL B 31 12.96 19.77 -12.71
C VAL B 31 11.57 20.02 -13.32
N THR B 32 10.54 19.36 -12.78
CA THR B 32 9.20 19.62 -13.29
C THR B 32 8.43 20.17 -12.14
N ILE B 33 7.32 20.79 -12.46
CA ILE B 33 6.45 21.30 -11.46
C ILE B 33 5.15 21.47 -12.15
N VAL B 34 4.07 21.34 -11.39
CA VAL B 34 2.74 21.51 -11.95
C VAL B 34 2.21 22.62 -11.14
N GLY B 35 1.40 23.47 -11.71
CA GLY B 35 0.95 24.55 -10.88
C GLY B 35 -0.07 25.33 -11.69
N ILE B 36 -0.67 26.33 -11.07
CA ILE B 36 -1.65 27.15 -11.79
C ILE B 36 -1.02 28.50 -12.24
N ILE B 37 -1.40 28.99 -13.42
CA ILE B 37 -0.86 30.23 -13.93
C ILE B 37 -1.64 31.37 -13.35
N ARG B 38 -0.97 32.20 -12.55
CA ARG B 38 -1.60 33.33 -11.92
C ARG B 38 -1.34 34.59 -12.71
N HIS B 39 -0.19 34.64 -13.37
CA HIS B 39 0.17 35.82 -14.13
C HIS B 39 0.99 35.46 -15.32
N ALA B 40 0.73 36.16 -16.43
CA ALA B 40 1.45 35.94 -17.67
C ALA B 40 1.72 37.28 -18.35
N GLU B 41 2.99 37.52 -18.67
CA GLU B 41 3.42 38.75 -19.31
C GLU B 41 4.18 38.33 -20.53
N LYS B 42 3.99 39.08 -21.61
CA LYS B 42 4.63 38.83 -22.90
C LYS B 42 6.10 39.21 -22.91
N ALA B 43 6.43 40.35 -22.27
CA ALA B 43 7.83 40.78 -22.25
C ALA B 43 8.20 41.01 -23.73
N PRO B 44 9.51 41.04 -24.08
CA PRO B 44 9.62 41.24 -25.54
C PRO B 44 10.51 40.10 -26.06
N THR B 45 11.30 39.57 -25.14
CA THR B 45 12.29 38.51 -25.35
C THR B 45 11.87 37.07 -24.94
N ASN B 46 10.81 36.94 -24.15
CA ASN B 46 10.38 35.62 -23.64
C ASN B 46 9.13 35.85 -22.83
N ILE B 47 8.38 34.78 -22.52
CA ILE B 47 7.17 35.01 -21.70
C ILE B 47 7.47 34.81 -20.23
N VAL B 48 6.74 35.57 -19.41
CA VAL B 48 6.93 35.47 -17.97
C VAL B 48 5.66 35.24 -17.14
N TYR B 49 5.54 33.96 -16.82
CA TYR B 49 4.42 33.46 -16.04
C TYR B 49 4.76 33.39 -14.54
N LYS B 50 3.89 33.93 -13.69
CA LYS B 50 4.01 33.73 -12.23
C LYS B 50 3.17 32.42 -11.96
N ILE B 51 3.85 31.28 -11.73
CA ILE B 51 3.20 29.97 -11.48
C ILE B 51 3.07 29.49 -9.97
N ASP B 52 1.86 29.13 -9.57
CA ASP B 52 1.59 28.70 -8.22
C ASP B 52 1.23 27.21 -8.01
N ASP B 53 1.86 26.55 -7.02
CA ASP B 53 1.55 25.16 -6.68
C ASP B 53 1.04 25.06 -5.22
N MET B 54 0.52 26.18 -4.74
CA MET B 54 0.00 26.33 -3.39
C MET B 54 1.06 26.13 -2.25
N THR B 55 2.23 25.53 -2.50
CA THR B 55 3.26 25.32 -1.44
C THR B 55 4.21 26.43 -0.96
N ALA B 56 4.10 27.61 -1.53
CA ALA B 56 4.99 28.73 -1.21
C ALA B 56 4.35 29.75 -2.13
N ALA B 57 4.89 30.97 -2.16
CA ALA B 57 4.38 32.04 -3.07
C ALA B 57 4.62 31.62 -4.53
N PRO B 58 3.87 32.16 -5.46
CA PRO B 58 4.10 31.76 -6.87
C PRO B 58 5.52 32.04 -7.43
N MET B 59 6.11 31.08 -8.16
CA MET B 59 7.47 31.25 -8.73
C MET B 59 7.43 31.88 -10.13
N ASP B 60 8.51 32.57 -10.54
CA ASP B 60 8.53 33.17 -11.90
C ASP B 60 8.99 32.14 -12.83
N VAL B 61 8.26 31.94 -13.89
CA VAL B 61 8.73 31.01 -14.92
C VAL B 61 8.63 31.76 -16.24
N ARG B 62 9.80 31.81 -16.87
CA ARG B 62 9.94 32.47 -18.16
C ARG B 62 10.49 31.50 -19.18
N GLN B 63 9.98 31.62 -20.39
CA GLN B 63 10.48 30.79 -21.46
C GLN B 63 10.72 31.71 -22.65
N TRP B 64 11.74 31.34 -23.39
CA TRP B 64 12.13 32.11 -24.54
C TRP B 64 11.06 32.01 -25.61
N VAL B 65 10.64 33.16 -26.11
CA VAL B 65 9.62 33.24 -27.15
C VAL B 65 10.31 33.79 -28.39
N ASP B 66 9.57 33.83 -29.50
CA ASP B 66 10.13 34.34 -30.74
C ASP B 66 9.24 35.44 -31.26
N THR B 67 9.88 36.40 -31.92
CA THR B 67 9.18 37.57 -32.45
C THR B 67 9.77 38.08 -33.80
N ASP B 68 9.36 37.46 -34.92
CA ASP B 68 9.85 37.85 -36.24
C ASP B 68 8.91 37.39 -37.37
N ASN B 74 2.18 35.18 -30.73
CA ASN B 74 2.51 35.11 -29.29
C ASN B 74 1.41 34.32 -28.56
N THR B 75 1.61 33.01 -28.39
CA THR B 75 0.61 32.13 -27.72
C THR B 75 0.75 32.02 -26.19
N VAL B 76 0.25 32.99 -25.45
CA VAL B 76 0.39 32.94 -24.01
C VAL B 76 -0.69 32.13 -23.27
N VAL B 77 -0.30 31.14 -22.47
CA VAL B 77 -1.29 30.36 -21.72
C VAL B 77 -2.06 31.30 -20.78
N PRO B 78 -3.39 31.36 -20.92
CA PRO B 78 -4.17 32.25 -20.07
C PRO B 78 -3.99 31.93 -18.61
N PRO B 79 -4.39 32.87 -17.73
CA PRO B 79 -4.24 32.60 -16.30
C PRO B 79 -5.32 31.61 -15.87
N GLU B 80 -5.17 31.11 -14.64
CA GLU B 80 -6.08 30.16 -14.05
C GLU B 80 -6.04 28.83 -14.72
N THR B 81 -4.90 28.47 -15.28
CA THR B 81 -4.79 27.19 -15.95
C THR B 81 -3.59 26.35 -15.50
N TYR B 82 -3.89 25.16 -15.05
CA TYR B 82 -2.91 24.26 -14.58
C TYR B 82 -2.04 23.89 -15.72
N VAL B 83 -0.75 23.78 -15.44
CA VAL B 83 0.22 23.43 -16.46
C VAL B 83 1.35 22.73 -15.80
N LYS B 84 1.87 21.74 -16.48
CA LYS B 84 3.06 21.11 -15.95
C LYS B 84 4.09 22.05 -16.61
N VAL B 85 5.37 21.93 -16.21
CA VAL B 85 6.48 22.74 -16.71
C VAL B 85 7.76 21.94 -16.56
N ALA B 86 8.44 21.66 -17.68
CA ALA B 86 9.74 20.97 -17.58
C ALA B 86 10.73 22.16 -17.72
N GLY B 87 11.91 22.04 -17.15
CA GLY B 87 12.82 23.16 -17.21
C GLY B 87 13.93 23.18 -16.15
N HIS B 88 14.69 24.26 -16.00
CA HIS B 88 15.72 24.17 -14.98
C HIS B 88 15.75 25.37 -14.08
N LEU B 89 16.26 25.13 -12.88
CA LEU B 89 16.30 26.14 -11.83
C LEU B 89 17.46 27.09 -12.02
N ARG B 90 17.17 28.36 -11.91
CA ARG B 90 18.19 29.35 -12.12
C ARG B 90 18.23 30.29 -10.97
N SER B 91 19.33 30.26 -10.23
CA SER B 91 19.54 31.17 -9.11
C SER B 91 20.27 32.41 -9.61
N PHE B 92 19.76 33.60 -9.32
CA PHE B 92 20.36 34.84 -9.80
C PHE B 92 20.00 36.04 -8.92
N GLN B 93 21.02 36.66 -8.29
CA GLN B 93 20.85 37.80 -7.33
C GLN B 93 20.38 37.12 -6.05
N ASN B 94 20.49 35.80 -6.10
CA ASN B 94 20.11 34.90 -5.02
C ASN B 94 18.62 34.52 -5.03
N LYS B 95 17.80 35.27 -5.78
CA LYS B 95 16.39 34.96 -5.94
C LYS B 95 16.36 33.69 -6.82
N LYS B 96 15.25 32.95 -6.82
CA LYS B 96 15.19 31.77 -7.68
C LYS B 96 14.03 31.88 -8.69
N SER B 97 14.32 31.51 -9.93
CA SER B 97 13.35 31.61 -11.02
C SER B 97 13.39 30.32 -11.72
N LEU B 98 12.41 30.09 -12.56
CA LEU B 98 12.42 28.88 -13.33
C LEU B 98 12.60 29.21 -14.83
N VAL B 99 13.51 28.48 -15.46
CA VAL B 99 13.71 28.66 -16.89
C VAL B 99 13.02 27.45 -17.54
N ALA B 100 12.04 27.73 -18.39
CA ALA B 100 11.21 26.70 -19.00
C ALA B 100 11.51 25.89 -20.27
N PHE B 101 12.11 24.71 -20.19
CA PHE B 101 12.25 23.91 -21.43
C PHE B 101 10.84 23.90 -22.03
N LYS B 102 9.87 23.35 -21.32
CA LYS B 102 8.53 23.31 -21.88
C LYS B 102 7.40 23.78 -20.97
N ILE B 103 6.20 23.88 -21.55
CA ILE B 103 5.05 24.31 -20.77
C ILE B 103 3.77 23.74 -21.33
N MET B 104 3.50 22.48 -20.98
CA MET B 104 2.32 21.76 -21.41
C MET B 104 1.10 22.05 -20.55
N PRO B 105 0.12 22.82 -21.01
CA PRO B 105 -1.04 23.06 -20.14
C PRO B 105 -1.68 21.71 -19.76
N LEU B 106 -2.40 21.69 -18.64
CA LEU B 106 -3.00 20.42 -18.20
C LEU B 106 -4.31 19.98 -18.83
N GLU B 107 -4.20 18.82 -19.45
CA GLU B 107 -5.26 18.14 -20.19
C GLU B 107 -6.19 17.47 -19.21
N ASP B 108 -5.63 16.47 -18.56
CA ASP B 108 -6.28 15.65 -17.56
C ASP B 108 -5.82 16.14 -16.20
N MET B 109 -6.75 16.68 -15.42
CA MET B 109 -6.37 17.15 -14.11
C MET B 109 -5.87 16.04 -13.16
N ASN B 110 -5.90 14.80 -13.61
CA ASN B 110 -5.40 13.78 -12.72
C ASN B 110 -3.91 13.87 -12.73
N GLU B 111 -3.38 14.49 -13.78
CA GLU B 111 -1.92 14.64 -13.93
C GLU B 111 -1.39 15.45 -12.76
N PHE B 112 -2.11 16.48 -12.40
CA PHE B 112 -1.73 17.30 -11.28
C PHE B 112 -1.73 16.52 -9.96
N THR B 113 -2.73 15.69 -9.74
CA THR B 113 -2.73 14.91 -8.50
C THR B 113 -1.46 14.09 -8.53
N THR B 114 -1.32 13.36 -9.61
CA THR B 114 -0.17 12.49 -9.70
C THR B 114 1.21 13.12 -9.50
N HIS B 115 1.27 14.42 -9.78
CA HIS B 115 2.53 15.10 -9.70
C HIS B 115 2.99 15.08 -8.24
N ILE B 116 2.05 15.46 -7.37
CA ILE B 116 2.20 15.49 -5.93
C ILE B 116 2.77 14.15 -5.60
N LEU B 117 2.11 13.09 -6.07
CA LEU B 117 2.56 11.75 -5.78
C LEU B 117 3.94 11.51 -6.27
N GLU B 118 4.23 12.01 -7.46
CA GLU B 118 5.59 11.85 -8.01
C GLU B 118 6.62 12.71 -7.27
N VAL B 119 6.27 13.94 -6.87
CA VAL B 119 7.22 14.70 -6.12
C VAL B 119 7.58 13.92 -4.87
N ILE B 120 6.57 13.44 -4.13
CA ILE B 120 6.86 12.68 -2.90
C ILE B 120 7.62 11.39 -3.17
N ASN B 121 7.18 10.63 -4.17
CA ASN B 121 7.89 9.40 -4.42
C ASN B 121 9.36 9.64 -4.74
N ALA B 122 9.56 10.67 -5.58
CA ALA B 122 10.84 11.12 -6.05
C ALA B 122 11.83 11.44 -4.96
N HIS B 123 11.49 12.37 -4.07
CA HIS B 123 12.45 12.71 -3.03
C HIS B 123 12.66 11.62 -1.95
N MET B 124 11.75 10.66 -1.86
CA MET B 124 11.93 9.54 -0.92
C MET B 124 13.10 8.67 -1.42
N VAL B 125 12.94 8.10 -2.62
CA VAL B 125 13.97 7.26 -3.21
C VAL B 125 15.27 8.04 -3.30
N LEU B 126 15.15 9.28 -3.75
CA LEU B 126 16.29 10.12 -3.93
C LEU B 126 17.12 10.42 -2.71
N SER B 127 16.58 10.19 -1.52
CA SER B 127 17.31 10.49 -0.27
C SER B 127 17.89 9.25 0.39
N LYS B 128 18.21 8.27 -0.46
CA LYS B 128 18.74 6.97 -0.02
C LYS B 128 17.66 6.28 0.81
N ASN C 4 1.90 -7.88 -11.88
CA ASN C 4 1.63 -8.17 -13.32
C ASN C 4 2.79 -7.73 -14.27
N THR C 5 2.67 -6.51 -14.79
CA THR C 5 3.65 -5.88 -15.68
C THR C 5 5.06 -5.85 -15.01
N ASN C 6 6.16 -5.91 -15.75
CA ASN C 6 7.41 -5.81 -15.00
C ASN C 6 7.84 -4.35 -14.73
N TRP C 7 7.03 -3.53 -14.04
CA TRP C 7 7.43 -2.13 -13.77
C TRP C 7 8.79 -1.96 -13.09
N LYS C 8 9.63 -1.12 -13.69
CA LYS C 8 10.96 -0.85 -13.13
C LYS C 8 11.27 0.63 -13.22
N THR C 9 12.38 1.02 -12.60
CA THR C 9 12.84 2.40 -12.68
C THR C 9 14.19 2.28 -13.36
N LEU C 10 14.60 3.35 -14.03
CA LEU C 10 15.86 3.29 -14.70
C LEU C 10 16.91 2.82 -13.71
N TYR C 11 17.19 3.57 -12.65
CA TYR C 11 18.21 3.09 -11.72
C TYR C 11 18.13 1.56 -11.44
N GLU C 12 16.92 1.03 -11.31
CA GLU C 12 16.74 -0.39 -11.02
C GLU C 12 17.27 -1.28 -12.11
N VAL C 13 16.88 -0.99 -13.35
CA VAL C 13 17.31 -1.77 -14.52
C VAL C 13 18.81 -1.76 -14.51
N LYS C 14 19.40 -0.60 -14.28
CA LYS C 14 20.85 -0.57 -14.25
C LYS C 14 21.25 -1.43 -13.06
N SER C 15 21.05 -0.89 -11.85
CA SER C 15 21.37 -1.56 -10.58
C SER C 15 21.24 -3.10 -10.53
N GLU C 16 20.07 -3.61 -10.91
CA GLU C 16 19.79 -5.05 -10.90
C GLU C 16 20.52 -5.79 -12.01
N ASN C 17 20.98 -5.05 -13.01
CA ASN C 17 21.71 -5.62 -14.14
C ASN C 17 20.87 -6.38 -15.14
N LEU C 18 19.74 -5.81 -15.54
CA LEU C 18 18.85 -6.47 -16.48
C LEU C 18 19.36 -6.60 -17.90
N GLY C 19 19.54 -7.85 -18.34
CA GLY C 19 19.98 -8.08 -19.71
C GLY C 19 21.44 -8.45 -19.78
N GLN C 20 22.05 -8.49 -18.61
CA GLN C 20 23.46 -8.84 -18.48
C GLN C 20 23.68 -10.27 -18.98
N GLY C 21 22.77 -11.19 -18.62
CA GLY C 21 22.88 -12.59 -19.00
C GLY C 21 22.15 -13.16 -20.19
N ASP C 22 22.29 -14.48 -20.30
CA ASP C 22 21.71 -15.31 -21.37
C ASP C 22 20.72 -14.71 -22.32
N LYS C 23 19.45 -14.80 -21.94
CA LYS C 23 18.40 -14.24 -22.77
C LYS C 23 18.11 -12.78 -22.37
N PRO C 24 17.36 -12.04 -23.19
CA PRO C 24 17.07 -10.65 -22.83
C PRO C 24 16.22 -10.56 -21.57
N ASP C 25 15.85 -9.34 -21.19
CA ASP C 25 14.99 -9.05 -20.01
C ASP C 25 13.98 -8.03 -20.48
N TYR C 26 12.75 -8.10 -20.01
CA TYR C 26 11.79 -7.10 -20.43
C TYR C 26 11.32 -6.35 -19.19
N PHE C 27 11.19 -5.04 -19.29
CA PHE C 27 10.77 -4.26 -18.16
C PHE C 27 9.87 -3.10 -18.57
N SER C 28 9.20 -2.51 -17.60
CA SER C 28 8.38 -1.38 -17.93
C SER C 28 8.62 -0.22 -17.00
N SER C 29 8.58 0.95 -17.60
CA SER C 29 8.78 2.14 -16.83
C SER C 29 8.16 3.28 -17.50
N VAL C 30 7.93 4.32 -16.70
CA VAL C 30 7.36 5.53 -17.22
C VAL C 30 8.56 6.39 -17.32
N ALA C 31 8.66 7.19 -18.38
CA ALA C 31 9.80 8.10 -18.49
C ALA C 31 9.48 9.21 -19.40
N THR C 32 10.29 10.24 -19.32
CA THR C 32 10.16 11.39 -20.21
C THR C 32 11.34 11.38 -21.20
N VAL C 33 11.03 11.67 -22.45
CA VAL C 33 12.07 11.72 -23.47
C VAL C 33 12.77 13.03 -23.21
N VAL C 34 14.06 12.93 -23.03
CA VAL C 34 14.92 14.04 -22.70
C VAL C 34 15.73 14.54 -23.93
N TYR C 35 15.85 13.70 -24.95
CA TYR C 35 16.61 13.97 -26.15
C TYR C 35 16.36 13.00 -27.29
N LEU C 36 16.37 13.52 -28.52
CA LEU C 36 16.20 12.72 -29.74
C LEU C 36 17.35 13.05 -30.73
N ARG C 37 18.14 12.05 -31.14
CA ARG C 37 19.19 12.31 -32.13
C ARG C 37 18.55 12.41 -33.53
N LYS C 38 18.72 13.55 -34.20
CA LYS C 38 18.12 13.80 -35.54
C LYS C 38 18.90 13.25 -36.73
N GLU C 39 20.13 12.81 -36.48
CA GLU C 39 21.01 12.28 -37.53
C GLU C 39 20.60 10.94 -38.17
N ASN C 40 21.07 9.85 -37.59
CA ASN C 40 20.79 8.52 -38.10
C ASN C 40 19.32 8.10 -38.11
N CYS C 41 18.47 8.89 -37.47
CA CYS C 41 17.04 8.56 -37.36
C CYS C 41 16.38 7.91 -38.56
N MET C 42 16.99 8.06 -39.73
CA MET C 42 16.38 7.48 -40.91
C MET C 42 17.33 6.71 -41.81
N TYR C 43 16.84 5.60 -42.38
CA TYR C 43 17.67 4.81 -43.27
C TYR C 43 16.94 4.42 -44.51
N GLN C 44 17.73 4.03 -45.51
CA GLN C 44 17.25 3.61 -46.81
C GLN C 44 16.80 2.15 -46.72
N ALA C 45 15.51 1.97 -46.88
CA ALA C 45 14.94 0.65 -46.72
C ALA C 45 14.57 -0.10 -47.95
N CYS C 46 14.90 -1.39 -47.97
CA CYS C 46 14.52 -2.24 -49.09
C CYS C 46 13.07 -1.85 -49.36
N PRO C 47 12.68 -1.85 -50.62
CA PRO C 47 11.32 -1.48 -50.92
C PRO C 47 10.45 -2.70 -50.88
N THR C 48 11.09 -3.85 -50.72
CA THR C 48 10.35 -5.12 -50.67
C THR C 48 9.37 -5.28 -49.49
N GLN C 49 8.26 -5.96 -49.76
CA GLN C 49 7.21 -6.25 -48.79
C GLN C 49 7.77 -6.91 -47.51
N ASP C 50 7.59 -6.26 -46.37
CA ASP C 50 8.09 -6.84 -45.14
C ASP C 50 9.60 -7.02 -45.03
N CYS C 51 10.38 -6.60 -46.02
CA CYS C 51 11.82 -6.73 -45.84
C CYS C 51 12.26 -5.35 -45.40
N ASN C 52 13.26 -5.28 -44.54
CA ASN C 52 13.62 -3.93 -44.09
C ASN C 52 15.14 -3.75 -44.15
N LYS C 53 15.87 -4.67 -44.70
CA LYS C 53 17.33 -4.54 -44.78
C LYS C 53 17.62 -3.15 -45.32
N LYS C 54 18.84 -2.68 -45.07
CA LYS C 54 19.26 -1.38 -45.57
C LYS C 54 19.78 -1.54 -47.02
N VAL C 55 19.10 -0.88 -47.97
CA VAL C 55 19.52 -0.94 -49.38
C VAL C 55 20.79 -0.17 -49.67
N ILE C 56 21.65 -0.75 -50.51
CA ILE C 56 22.93 -0.10 -50.88
C ILE C 56 22.77 0.87 -52.03
N ASP C 57 23.30 2.08 -51.88
CA ASP C 57 23.14 3.01 -52.97
C ASP C 57 24.14 2.77 -54.09
N GLN C 58 23.68 2.10 -55.15
CA GLN C 58 24.52 1.85 -56.32
C GLN C 58 24.24 3.15 -57.06
N GLN C 59 25.18 4.10 -57.03
CA GLN C 59 25.02 5.42 -57.66
C GLN C 59 24.36 5.36 -59.04
N ASN C 60 24.21 4.13 -59.56
CA ASN C 60 23.60 3.82 -60.83
C ASN C 60 22.06 3.94 -60.78
N GLY C 61 21.54 4.95 -60.09
CA GLY C 61 20.09 5.12 -59.97
C GLY C 61 19.31 3.92 -59.42
N LEU C 62 20.04 2.87 -59.02
CA LEU C 62 19.47 1.64 -58.48
C LEU C 62 19.83 1.35 -57.00
N TYR C 63 18.98 0.55 -56.36
CA TYR C 63 19.13 0.19 -54.95
C TYR C 63 19.16 -1.31 -54.65
N ARG C 64 20.32 -1.76 -54.17
CA ARG C 64 20.59 -3.17 -53.88
C ARG C 64 20.35 -3.73 -52.47
N CYS C 65 19.27 -4.51 -52.24
CA CYS C 65 19.07 -5.11 -50.91
C CYS C 65 19.87 -6.42 -50.85
N GLU C 66 20.98 -6.43 -50.15
CA GLU C 66 21.80 -7.61 -50.02
C GLU C 66 21.09 -8.88 -49.50
N LYS C 67 20.00 -8.67 -48.76
CA LYS C 67 19.24 -9.76 -48.16
C LYS C 67 18.50 -10.55 -49.24
N CYS C 68 17.60 -9.92 -50.01
CA CYS C 68 16.89 -10.63 -51.09
C CYS C 68 17.63 -10.57 -52.44
N ASP C 69 18.92 -10.21 -52.40
CA ASP C 69 19.76 -10.08 -53.58
C ASP C 69 18.97 -9.68 -54.82
N THR C 70 18.53 -8.43 -54.82
CA THR C 70 17.77 -7.88 -55.90
C THR C 70 18.15 -6.41 -55.98
N GLU C 71 17.71 -5.75 -57.05
CA GLU C 71 17.98 -4.33 -57.27
C GLU C 71 16.66 -3.69 -57.65
N PHE C 72 16.47 -2.42 -57.30
CA PHE C 72 15.24 -1.71 -57.62
C PHE C 72 15.61 -0.25 -57.74
N PRO C 73 14.69 0.56 -58.22
CA PRO C 73 14.83 2.00 -58.41
C PRO C 73 14.21 2.68 -57.18
N ASN C 74 12.95 2.31 -56.95
CA ASN C 74 12.13 2.78 -55.85
C ASN C 74 12.83 2.66 -54.51
N PHE C 75 12.29 3.39 -53.55
CA PHE C 75 12.84 3.52 -52.21
C PHE C 75 11.88 3.16 -51.09
N LYS C 76 12.44 3.02 -49.89
CA LYS C 76 11.64 2.75 -48.70
C LYS C 76 12.27 3.41 -47.48
N TYR C 77 11.45 4.18 -46.79
CA TYR C 77 11.92 4.87 -45.61
C TYR C 77 11.55 4.16 -44.31
N ARG C 78 12.54 4.01 -43.44
CA ARG C 78 12.36 3.37 -42.16
C ARG C 78 13.12 4.00 -41.01
N MET C 79 12.34 4.34 -39.97
CA MET C 79 12.81 4.97 -38.74
C MET C 79 13.67 4.05 -37.89
N ILE C 80 14.68 4.65 -37.27
CA ILE C 80 15.58 3.93 -36.37
C ILE C 80 16.16 4.96 -35.39
N LEU C 81 15.22 5.56 -34.66
CA LEU C 81 15.40 6.61 -33.67
C LEU C 81 16.07 6.32 -32.31
N SER C 82 17.29 6.84 -32.16
CA SER C 82 18.04 6.73 -30.91
C SER C 82 17.48 7.85 -29.99
N VAL C 83 17.08 7.48 -28.77
CA VAL C 83 16.49 8.45 -27.86
C VAL C 83 16.96 8.41 -26.42
N ASN C 84 16.84 9.54 -25.73
CA ASN C 84 17.16 9.48 -24.32
C ASN C 84 15.89 9.70 -23.48
N ILE C 85 15.57 8.66 -22.70
CA ILE C 85 14.43 8.76 -21.81
C ILE C 85 15.02 8.82 -20.41
N ALA C 86 14.43 9.67 -19.58
CA ALA C 86 14.87 9.82 -18.20
C ALA C 86 13.72 9.90 -17.19
N ASP C 87 13.96 9.41 -15.99
CA ASP C 87 12.97 9.51 -14.95
C ASP C 87 13.55 10.41 -13.85
N PHE C 88 13.01 10.36 -12.65
CA PHE C 88 13.45 11.22 -11.55
C PHE C 88 14.82 10.87 -10.98
N GLN C 89 15.38 9.78 -11.45
CA GLN C 89 16.66 9.32 -10.93
C GLN C 89 17.69 9.10 -12.05
N GLU C 90 17.22 8.54 -13.16
CA GLU C 90 18.10 8.23 -14.27
C GLU C 90 17.51 8.44 -15.65
N ASN C 91 18.35 8.12 -16.63
CA ASN C 91 18.04 8.21 -18.05
C ASN C 91 18.51 6.92 -18.71
N GLN C 92 18.05 6.71 -19.93
CA GLN C 92 18.44 5.50 -20.66
C GLN C 92 18.38 5.74 -22.14
N TRP C 93 19.48 5.45 -22.80
CA TRP C 93 19.51 5.59 -24.24
C TRP C 93 18.84 4.33 -24.82
N VAL C 94 17.75 4.52 -25.53
CA VAL C 94 17.04 3.39 -26.11
C VAL C 94 16.90 3.59 -27.61
N THR C 95 16.90 2.51 -28.38
CA THR C 95 16.73 2.66 -29.81
C THR C 95 15.27 2.30 -30.04
N CYS C 96 14.63 2.95 -31.00
CA CYS C 96 13.20 2.74 -31.29
C CYS C 96 12.89 2.60 -32.78
N PHE C 97 12.57 1.39 -33.23
CA PHE C 97 12.27 1.21 -34.64
C PHE C 97 11.01 1.88 -35.11
N GLN C 98 10.67 1.62 -36.38
CA GLN C 98 9.50 2.20 -37.05
C GLN C 98 8.35 2.43 -36.09
N GLU C 99 7.81 1.32 -35.56
CA GLU C 99 6.70 1.34 -34.63
C GLU C 99 6.78 2.42 -33.55
N SER C 100 7.60 2.17 -32.54
CA SER C 100 7.73 3.10 -31.45
C SER C 100 7.96 4.52 -31.96
N ALA C 101 9.13 4.78 -32.54
CA ALA C 101 9.46 6.11 -33.02
C ALA C 101 8.34 6.89 -33.74
N GLU C 102 7.50 6.21 -34.52
CA GLU C 102 6.45 6.98 -35.17
C GLU C 102 5.49 7.51 -34.11
N ALA C 103 5.32 6.75 -33.02
CA ALA C 103 4.45 7.18 -31.93
C ALA C 103 5.09 8.40 -31.22
N ILE C 104 6.34 8.23 -30.74
CA ILE C 104 7.09 9.30 -30.06
C ILE C 104 7.22 10.63 -30.83
N LEU C 105 7.20 10.56 -32.18
CA LEU C 105 7.36 11.73 -33.09
C LEU C 105 6.08 12.36 -33.64
N GLY C 106 5.11 11.52 -34.00
CA GLY C 106 3.87 12.04 -34.52
C GLY C 106 3.55 11.75 -35.97
N GLN C 107 4.56 11.43 -36.78
CA GLN C 107 4.31 11.16 -38.20
C GLN C 107 4.78 9.79 -38.65
N ASN C 108 4.75 9.57 -39.97
CA ASN C 108 5.18 8.29 -40.57
C ASN C 108 6.55 8.46 -41.20
N ALA C 109 7.28 7.36 -41.35
CA ALA C 109 8.63 7.38 -41.93
C ALA C 109 8.65 8.07 -43.30
N ALA C 110 7.57 7.91 -44.05
CA ALA C 110 7.45 8.55 -45.36
C ALA C 110 7.43 10.09 -45.20
N TYR C 111 6.41 10.56 -44.50
CA TYR C 111 6.18 11.97 -44.20
C TYR C 111 7.42 12.62 -43.54
N LEU C 112 8.07 11.87 -42.66
CA LEU C 112 9.26 12.36 -41.97
C LEU C 112 10.47 12.54 -42.88
N GLY C 113 11.06 11.44 -43.34
CA GLY C 113 12.22 11.49 -44.22
C GLY C 113 12.22 12.52 -45.34
N GLU C 114 11.06 12.68 -45.98
CA GLU C 114 10.91 13.65 -47.03
C GLU C 114 11.26 15.04 -46.46
N LEU C 115 10.45 15.49 -45.52
CA LEU C 115 10.67 16.77 -44.89
C LEU C 115 12.13 16.89 -44.43
N LYS C 116 12.90 15.82 -44.57
CA LYS C 116 14.32 15.82 -44.18
C LYS C 116 15.14 16.70 -45.12
N ASP C 117 14.69 16.77 -46.37
CA ASP C 117 15.33 17.59 -47.42
C ASP C 117 14.76 19.02 -47.42
N LYS C 118 13.46 19.10 -47.71
CA LYS C 118 12.72 20.34 -47.77
C LYS C 118 13.22 21.31 -46.75
N ASN C 119 12.52 21.36 -45.63
CA ASN C 119 12.90 22.27 -44.59
C ASN C 119 13.73 21.61 -43.52
N GLU C 120 14.96 22.11 -43.38
CA GLU C 120 15.84 21.58 -42.36
C GLU C 120 15.29 22.05 -41.02
N GLN C 121 14.28 22.90 -41.07
CA GLN C 121 13.69 23.44 -39.85
C GLN C 121 12.33 22.80 -39.50
N ALA C 122 11.31 22.94 -40.36
CA ALA C 122 9.99 22.35 -40.10
C ALA C 122 10.15 20.89 -39.67
N PHE C 123 11.31 20.33 -40.03
CA PHE C 123 11.70 18.97 -39.69
C PHE C 123 12.09 19.02 -38.21
N GLU C 124 13.16 19.76 -37.92
CA GLU C 124 13.64 19.89 -36.54
C GLU C 124 12.49 20.29 -35.63
N GLU C 125 11.39 20.75 -36.24
CA GLU C 125 10.20 21.16 -35.48
C GLU C 125 9.56 19.97 -34.80
N VAL C 126 9.37 18.90 -35.55
CA VAL C 126 8.79 17.67 -35.00
C VAL C 126 9.68 17.16 -33.87
N PHE C 127 10.99 17.15 -34.09
CA PHE C 127 11.89 16.72 -33.05
C PHE C 127 11.85 17.65 -31.85
N GLN C 128 11.74 18.96 -32.08
CA GLN C 128 11.68 19.89 -30.98
C GLN C 128 10.42 19.59 -30.22
N ASN C 129 9.29 19.58 -30.91
CA ASN C 129 8.04 19.30 -30.22
C ASN C 129 8.00 18.04 -29.34
N ALA C 130 8.31 16.89 -29.94
CA ALA C 130 8.30 15.58 -29.28
C ALA C 130 9.17 15.46 -28.07
N ASN C 131 10.00 16.45 -27.79
CA ASN C 131 10.83 16.32 -26.63
C ASN C 131 10.25 16.78 -25.29
N PHE C 132 10.61 16.04 -24.25
CA PHE C 132 10.15 16.27 -22.90
C PHE C 132 8.74 15.89 -22.73
N ARG C 133 8.41 14.77 -23.35
CA ARG C 133 7.08 14.23 -23.25
C ARG C 133 7.27 12.88 -22.57
N SER C 134 6.20 12.36 -21.97
CA SER C 134 6.28 11.10 -21.24
C SER C 134 5.44 10.00 -21.84
N PHE C 135 5.87 8.78 -21.63
CA PHE C 135 5.08 7.68 -22.11
C PHE C 135 5.41 6.53 -21.23
N ILE C 136 4.72 5.42 -21.50
CA ILE C 136 5.02 4.20 -20.80
C ILE C 136 5.82 3.48 -21.85
N PHE C 137 6.98 2.95 -21.51
CA PHE C 137 7.75 2.24 -22.49
C PHE C 137 7.91 0.81 -22.04
N ARG C 138 7.69 -0.15 -22.94
CA ARG C 138 7.93 -1.58 -22.63
C ARG C 138 9.36 -1.63 -23.25
N VAL C 139 10.36 -2.15 -22.55
CA VAL C 139 11.70 -2.06 -23.09
C VAL C 139 12.60 -3.32 -22.98
N ARG C 140 12.94 -3.95 -24.10
CA ARG C 140 13.79 -5.12 -23.99
C ARG C 140 15.21 -4.70 -23.80
N VAL C 141 15.96 -5.49 -23.05
CA VAL C 141 17.32 -5.14 -22.72
C VAL C 141 18.30 -6.32 -22.70
N LYS C 142 19.35 -6.25 -23.51
CA LYS C 142 20.33 -7.33 -23.56
C LYS C 142 21.70 -6.75 -23.78
N VAL C 143 22.74 -7.50 -23.40
CA VAL C 143 24.09 -6.98 -23.55
C VAL C 143 24.53 -6.89 -24.98
N GLU C 144 25.67 -6.21 -25.17
CA GLU C 144 26.26 -6.01 -26.49
C GLU C 144 27.74 -5.54 -26.49
N THR C 145 28.52 -6.08 -27.43
CA THR C 145 29.95 -5.76 -27.64
C THR C 145 30.26 -5.32 -29.09
N TYR C 146 31.32 -4.51 -29.22
CA TYR C 146 31.81 -3.97 -30.51
C TYR C 146 33.29 -4.29 -30.74
N ILE C 152 25.34 -3.26 -23.14
CA ILE C 152 23.89 -3.28 -22.85
C ILE C 152 23.07 -2.44 -23.80
N LYS C 153 22.28 -3.04 -24.66
CA LYS C 153 21.51 -2.21 -25.55
C LYS C 153 20.03 -2.28 -25.22
N ALA C 154 19.36 -1.17 -25.45
CA ALA C 154 17.97 -1.02 -25.14
C ALA C 154 17.08 -0.82 -26.32
N THR C 155 16.03 -1.63 -26.42
CA THR C 155 15.06 -1.53 -27.51
C THR C 155 13.63 -1.27 -27.06
N VAL C 156 13.02 -0.20 -27.52
CA VAL C 156 11.65 0.10 -27.15
C VAL C 156 10.57 -0.74 -27.86
N MET C 157 10.16 -1.84 -27.25
CA MET C 157 9.10 -2.72 -27.79
C MET C 157 7.78 -1.95 -27.92
N ASP C 158 7.34 -1.20 -26.92
CA ASP C 158 6.09 -0.48 -27.16
C ASP C 158 6.05 0.93 -26.52
N VAL C 159 5.06 1.73 -26.92
CA VAL C 159 4.91 3.05 -26.39
C VAL C 159 3.47 3.39 -26.22
N LYS C 160 3.06 3.70 -24.99
CA LYS C 160 1.67 4.11 -24.75
C LYS C 160 1.69 5.44 -24.05
N PRO C 161 0.65 6.25 -24.29
CA PRO C 161 0.57 7.55 -23.65
C PRO C 161 0.32 7.21 -22.19
N VAL C 162 1.04 7.87 -21.30
CA VAL C 162 0.90 7.68 -19.85
C VAL C 162 -0.57 7.77 -19.36
N ASP C 163 -0.97 6.86 -18.48
CA ASP C 163 -2.32 6.98 -17.90
C ASP C 163 -1.96 7.46 -16.52
N TYR C 164 -2.54 8.60 -16.13
CA TYR C 164 -2.21 9.20 -14.86
C TYR C 164 -2.93 8.66 -13.65
N ARG C 165 -4.23 8.46 -13.77
CA ARG C 165 -4.95 7.91 -12.67
C ARG C 165 -4.32 6.59 -12.23
N GLU C 166 -3.90 5.79 -13.18
CA GLU C 166 -3.29 4.50 -12.85
C GLU C 166 -1.81 4.55 -12.35
N TYR C 167 -1.14 5.64 -12.68
CA TYR C 167 0.23 5.76 -12.31
C TYR C 167 0.10 6.36 -10.91
N GLY C 168 -0.97 7.12 -10.71
CA GLY C 168 -1.19 7.72 -9.43
C GLY C 168 -1.28 6.60 -8.40
N ARG C 169 -2.19 5.66 -8.65
CA ARG C 169 -2.39 4.51 -7.77
C ARG C 169 -1.10 3.78 -7.54
N ARG C 170 -0.48 3.33 -8.63
CA ARG C 170 0.75 2.59 -8.55
C ARG C 170 1.73 3.30 -7.65
N LEU C 171 1.81 4.64 -7.80
CA LEU C 171 2.73 5.44 -7.01
C LEU C 171 2.33 5.37 -5.57
N VAL C 172 1.04 5.61 -5.31
CA VAL C 172 0.50 5.52 -3.96
C VAL C 172 0.96 4.23 -3.25
N MET C 173 0.66 3.07 -3.85
CA MET C 173 1.02 1.81 -3.24
C MET C 173 2.50 1.74 -2.99
N SER C 174 3.26 2.29 -3.91
CA SER C 174 4.72 2.26 -3.82
C SER C 174 5.18 3.06 -2.59
N ILE C 175 4.49 4.17 -2.32
CA ILE C 175 4.90 4.98 -1.20
C ILE C 175 4.60 4.17 0.06
N ARG C 176 3.36 3.72 0.17
CA ARG C 176 2.98 2.91 1.31
C ARG C 176 3.94 1.75 1.50
N ARG C 177 4.24 1.03 0.42
CA ARG C 177 5.19 -0.06 0.48
C ARG C 177 6.57 0.49 1.00
N SER C 178 7.03 1.64 0.50
CA SER C 178 8.33 2.18 0.94
C SER C 178 8.30 2.41 2.44
N ALA C 179 7.16 2.87 2.93
CA ALA C 179 6.98 3.10 4.37
C ALA C 179 7.20 1.81 5.20
N LEU C 180 6.45 0.73 4.95
CA LEU C 180 6.64 -0.48 5.75
C LEU C 180 8.09 -0.77 5.99
N MET C 181 8.87 -0.49 4.97
CA MET C 181 10.29 -0.72 4.99
C MET C 181 10.53 -2.22 4.91
N ASP D 3 -14.19 5.38 35.46
CA ASP D 3 -12.73 5.27 35.64
C ASP D 3 -11.98 4.89 34.35
N MET D 4 -10.75 5.40 34.21
CA MET D 4 -9.90 5.12 33.05
C MET D 4 -10.22 3.73 32.51
N MET D 5 -9.64 2.73 33.17
CA MET D 5 -9.79 1.35 32.75
C MET D 5 -11.16 0.77 32.33
N ASP D 6 -12.24 1.53 32.42
CA ASP D 6 -13.57 1.01 32.03
C ASP D 6 -14.15 1.90 30.93
N LEU D 7 -13.29 2.77 30.43
CA LEU D 7 -13.65 3.67 29.34
C LEU D 7 -12.91 3.28 28.09
N PRO D 8 -13.48 3.62 26.93
CA PRO D 8 -12.72 3.27 25.72
C PRO D 8 -11.49 4.23 25.65
N ARG D 9 -10.32 3.64 25.44
CA ARG D 9 -9.06 4.35 25.31
C ARG D 9 -8.57 4.30 23.83
N SER D 10 -8.37 5.47 23.23
CA SER D 10 -7.87 5.47 21.84
C SER D 10 -6.38 5.19 21.73
N ARG D 11 -6.03 4.36 20.75
CA ARG D 11 -4.62 4.02 20.45
C ARG D 11 -4.01 5.15 19.54
N ILE D 12 -3.00 5.83 20.06
CA ILE D 12 -2.44 6.96 19.34
C ILE D 12 -0.94 6.98 19.31
N ASN D 13 -0.37 7.83 18.45
CA ASN D 13 1.08 7.98 18.45
C ASN D 13 1.36 9.42 18.88
N ALA D 14 2.61 9.76 19.19
CA ALA D 14 2.94 11.13 19.62
C ALA D 14 2.26 12.25 18.78
N GLY D 15 2.37 12.20 17.47
CA GLY D 15 1.74 13.24 16.71
C GLY D 15 0.24 13.28 16.78
N MET D 16 -0.35 12.54 17.68
CA MET D 16 -1.83 12.59 17.79
C MET D 16 -2.15 13.35 19.15
N LEU D 17 -1.28 13.21 20.18
CA LEU D 17 -1.52 13.89 21.45
C LEU D 17 -2.34 15.16 21.32
N ALA D 18 -1.94 16.07 20.46
CA ALA D 18 -2.67 17.33 20.28
C ALA D 18 -4.14 17.21 20.02
N GLN D 19 -4.57 16.17 19.33
CA GLN D 19 -5.99 16.02 19.00
C GLN D 19 -6.76 15.21 20.06
N PHE D 20 -6.05 14.77 21.09
CA PHE D 20 -6.65 13.96 22.14
C PHE D 20 -6.48 14.62 23.47
N ILE D 21 -6.51 15.94 23.38
CA ILE D 21 -6.34 16.77 24.56
C ILE D 21 -7.49 16.46 25.47
N ASP D 22 -7.11 15.96 26.66
CA ASP D 22 -8.06 15.65 27.70
C ASP D 22 -8.80 14.30 27.57
N LYS D 23 -8.47 13.50 26.54
CA LYS D 23 -9.08 12.21 26.28
C LYS D 23 -8.25 11.13 26.87
N PRO D 24 -8.82 9.93 27.07
CA PRO D 24 -8.19 8.72 27.62
C PRO D 24 -7.60 7.96 26.43
N VAL D 25 -6.31 7.66 26.53
CA VAL D 25 -5.59 7.06 25.43
C VAL D 25 -4.74 5.95 25.89
N CYS D 26 -4.21 5.29 24.89
CA CYS D 26 -3.30 4.19 25.06
C CYS D 26 -2.10 4.50 24.12
N PHE D 27 -0.93 4.67 24.73
CA PHE D 27 0.28 5.00 23.99
C PHE D 27 1.34 3.94 24.08
N VAL D 28 1.68 3.33 22.94
CA VAL D 28 2.72 2.31 22.88
C VAL D 28 3.98 2.97 22.30
N GLY D 29 5.13 2.60 22.83
CA GLY D 29 6.33 3.19 22.30
C GLY D 29 7.55 2.66 23.00
N ARG D 30 8.72 3.21 22.63
CA ARG D 30 9.93 2.76 23.27
C ARG D 30 10.48 3.65 24.37
N LEU D 31 11.01 2.99 25.36
CA LEU D 31 11.52 3.68 26.50
C LEU D 31 12.88 4.29 26.22
N GLU D 32 12.87 5.61 26.09
CA GLU D 32 14.03 6.46 25.79
C GLU D 32 14.60 7.06 27.08
N LYS D 33 14.19 8.26 27.46
CA LYS D 33 14.68 8.87 28.71
C LYS D 33 13.66 8.53 29.81
N ILE D 34 14.21 8.40 31.01
CA ILE D 34 13.47 8.02 32.19
C ILE D 34 13.89 8.88 33.39
N HIS D 35 13.43 10.13 33.43
CA HIS D 35 13.71 11.11 34.48
C HIS D 35 14.17 10.50 35.83
N PRO D 36 15.09 11.17 36.56
CA PRO D 36 15.67 10.76 37.85
C PRO D 36 14.72 10.75 39.04
N THR D 37 13.68 11.56 38.98
CA THR D 37 12.69 11.51 40.04
C THR D 37 11.95 10.18 39.85
N GLY D 38 12.10 9.58 38.65
CA GLY D 38 11.43 8.34 38.34
C GLY D 38 9.96 8.59 38.07
N LYS D 39 9.52 9.81 38.35
CA LYS D 39 8.14 10.20 38.19
C LYS D 39 7.69 10.49 36.76
N MET D 40 8.65 10.65 35.85
CA MET D 40 8.30 10.95 34.46
C MET D 40 9.24 10.20 33.54
N PHE D 41 8.74 9.81 32.38
CA PHE D 41 9.57 9.13 31.41
C PHE D 41 9.13 9.43 29.99
N ILE D 42 10.03 9.15 29.04
CA ILE D 42 9.76 9.40 27.64
C ILE D 42 9.72 8.14 26.82
N LEU D 43 8.71 8.04 25.98
CA LEU D 43 8.57 6.91 25.09
C LEU D 43 8.51 7.48 23.67
N SER D 44 9.25 6.84 22.76
CA SER D 44 9.29 7.26 21.36
C SER D 44 8.35 6.36 20.58
N ASP D 45 7.51 6.93 19.75
CA ASP D 45 6.59 6.09 19.06
C ASP D 45 7.19 5.36 17.84
N GLY D 46 6.39 4.75 17.00
CA GLY D 46 6.93 4.04 15.86
C GLY D 46 7.36 4.86 14.64
N GLU D 47 7.15 6.17 14.74
CA GLU D 47 7.54 7.15 13.69
C GLU D 47 8.74 7.92 14.27
N GLY D 48 9.35 7.44 15.36
CA GLY D 48 10.42 8.19 15.95
C GLY D 48 10.04 9.35 16.89
N LYS D 49 8.84 9.90 16.71
CA LYS D 49 8.35 11.00 17.55
C LYS D 49 8.15 10.59 19.05
N ASN D 50 8.26 11.55 19.96
CA ASN D 50 8.18 11.30 21.39
C ASN D 50 6.97 11.86 22.10
N GLY D 51 6.56 11.13 23.14
CA GLY D 51 5.43 11.48 23.99
C GLY D 51 5.95 11.41 25.42
N THR D 52 5.56 12.37 26.24
CA THR D 52 6.00 12.40 27.67
C THR D 52 5.01 11.77 28.66
N ILE D 53 5.48 10.76 29.39
CA ILE D 53 4.58 10.10 30.33
C ILE D 53 4.81 10.50 31.78
N GLU D 54 3.73 10.93 32.43
CA GLU D 54 3.81 11.37 33.84
C GLU D 54 3.15 10.42 34.80
N LEU D 55 3.90 10.03 35.82
CA LEU D 55 3.48 9.12 36.89
C LEU D 55 2.96 9.86 38.12
N MET D 56 1.95 9.32 38.81
CA MET D 56 1.51 10.02 40.02
C MET D 56 2.40 9.58 41.17
N GLU D 57 3.03 8.42 41.05
CA GLU D 57 3.96 7.89 42.04
C GLU D 57 5.21 7.36 41.32
N PRO D 58 6.40 7.89 41.62
CA PRO D 58 7.63 7.43 40.96
C PRO D 58 7.75 5.92 40.73
N LEU D 59 8.28 5.55 39.56
CA LEU D 59 8.47 4.17 39.17
C LEU D 59 8.87 3.30 40.34
N ASP D 60 8.24 2.14 40.34
CA ASP D 60 8.38 1.14 41.36
C ASP D 60 9.42 0.14 40.87
N GLU D 61 9.81 0.28 39.60
CA GLU D 61 10.75 -0.66 39.03
C GLU D 61 11.54 -0.11 37.85
N GLU D 62 12.43 -0.96 37.36
CA GLU D 62 13.25 -0.66 36.21
C GLU D 62 12.42 -0.93 34.96
N ILE D 63 12.37 0.06 34.08
CA ILE D 63 11.61 -0.05 32.86
C ILE D 63 12.50 -0.04 31.63
N SER D 64 12.10 -0.73 30.58
CA SER D 64 12.87 -0.74 29.35
C SER D 64 12.08 -1.40 28.21
N GLY D 65 12.56 -1.24 26.97
CA GLY D 65 11.93 -1.83 25.82
C GLY D 65 10.68 -1.13 25.33
N ILE D 66 9.68 -1.92 24.93
CA ILE D 66 8.42 -1.37 24.45
C ILE D 66 7.47 -1.22 25.63
N VAL D 67 6.78 -0.10 25.72
CA VAL D 67 5.90 0.10 26.84
C VAL D 67 4.56 0.58 26.41
N GLU D 68 3.53 0.02 27.04
CA GLU D 68 2.15 0.40 26.77
C GLU D 68 1.69 1.25 27.95
N VAL D 69 1.34 2.49 27.67
CA VAL D 69 0.86 3.35 28.71
C VAL D 69 -0.61 3.73 28.47
N VAL D 70 -1.40 3.66 29.54
CA VAL D 70 -2.80 4.04 29.45
C VAL D 70 -2.90 5.25 30.36
N GLY D 71 -3.66 6.25 29.92
CA GLY D 71 -3.75 7.44 30.71
C GLY D 71 -4.62 8.45 30.03
N ARG D 72 -4.60 9.66 30.59
CA ARG D 72 -5.40 10.76 30.09
C ARG D 72 -4.38 11.78 29.57
N VAL D 73 -4.80 12.51 28.53
CA VAL D 73 -3.97 13.51 27.91
C VAL D 73 -4.14 14.80 28.60
N THR D 74 -3.03 15.28 29.16
CA THR D 74 -2.96 16.54 29.91
C THR D 74 -3.08 17.80 29.06
N ALA D 75 -3.06 18.96 29.69
CA ALA D 75 -3.17 20.19 28.92
C ALA D 75 -1.85 20.52 28.21
N LYS D 76 -0.73 20.14 28.84
CA LYS D 76 0.61 20.33 28.30
C LYS D 76 0.92 19.14 27.36
N ALA D 77 -0.14 18.62 26.73
CA ALA D 77 -0.07 17.51 25.81
C ALA D 77 0.81 16.34 26.23
N THR D 78 0.84 16.04 27.52
CA THR D 78 1.63 14.88 27.95
C THR D 78 0.62 13.86 28.39
N ILE D 79 1.06 12.68 28.78
CA ILE D 79 0.12 11.62 29.25
C ILE D 79 0.38 11.24 30.73
N LEU D 80 -0.64 11.54 31.54
CA LEU D 80 -0.66 11.27 32.97
C LEU D 80 -1.07 9.82 32.93
N CYS D 81 -0.14 9.00 33.36
CA CYS D 81 -0.31 7.57 33.31
C CYS D 81 -1.09 6.91 34.45
N THR D 82 -2.12 6.16 34.08
CA THR D 82 -2.95 5.41 35.01
C THR D 82 -2.31 4.02 35.23
N SER D 83 -1.75 3.47 34.18
CA SER D 83 -1.07 2.17 34.26
C SER D 83 -0.23 1.92 33.01
N TYR D 84 0.76 1.06 33.15
CA TYR D 84 1.62 0.79 32.04
C TYR D 84 1.95 -0.69 31.94
N VAL D 85 2.41 -1.17 30.79
CA VAL D 85 2.81 -2.57 30.63
C VAL D 85 4.08 -2.71 29.77
N GLN D 86 4.89 -3.71 30.03
CA GLN D 86 6.04 -3.86 29.20
C GLN D 86 5.85 -5.07 28.35
N PHE D 87 5.84 -4.89 27.03
CA PHE D 87 5.71 -5.97 26.06
C PHE D 87 6.73 -7.06 26.22
N LYS D 88 6.27 -8.27 26.07
CA LYS D 88 7.08 -9.47 26.20
C LYS D 88 7.81 -9.63 24.86
N GLU D 89 9.14 -9.56 24.89
CA GLU D 89 9.90 -9.67 23.64
C GLU D 89 10.86 -10.86 23.54
N ASP D 90 11.50 -11.25 24.63
CA ASP D 90 12.48 -12.36 24.64
C ASP D 90 12.38 -13.40 23.50
N SER D 91 11.18 -13.59 22.97
CA SER D 91 10.96 -14.53 21.90
C SER D 91 11.04 -13.93 20.47
N HIS D 92 10.28 -12.86 20.24
CA HIS D 92 10.22 -12.18 18.92
C HIS D 92 10.27 -10.65 19.11
N PRO D 93 11.28 -9.97 18.54
CA PRO D 93 11.31 -8.52 18.73
C PRO D 93 10.04 -7.82 18.23
N PHE D 94 9.53 -6.89 19.03
CA PHE D 94 8.31 -6.17 18.66
C PHE D 94 8.52 -5.13 17.56
N ASP D 95 7.73 -5.20 16.52
CA ASP D 95 7.82 -4.29 15.44
C ASP D 95 7.06 -3.00 15.65
N LEU D 96 7.64 -2.13 16.45
CA LEU D 96 7.04 -0.81 16.72
C LEU D 96 6.51 -0.02 15.50
N GLY D 97 7.14 -0.21 14.35
CA GLY D 97 6.75 0.51 13.16
C GLY D 97 5.52 -0.04 12.54
N LEU D 98 5.41 -1.38 12.57
CA LEU D 98 4.22 -2.05 12.00
C LEU D 98 3.09 -1.59 12.93
N TYR D 99 3.40 -1.53 14.24
CA TYR D 99 2.40 -1.05 15.15
C TYR D 99 1.75 0.24 14.68
N ASN D 100 2.60 1.27 14.49
CA ASN D 100 2.17 2.61 14.09
C ASN D 100 1.36 2.63 12.80
N GLU D 101 1.73 1.75 11.91
CA GLU D 101 1.03 1.71 10.68
C GLU D 101 -0.41 1.31 10.99
N ALA D 102 -0.57 0.39 11.93
CA ALA D 102 -1.89 -0.08 12.43
C ALA D 102 -2.66 1.04 13.13
N VAL D 103 -1.94 1.81 13.95
CA VAL D 103 -2.54 2.96 14.61
C VAL D 103 -3.13 3.95 13.59
N LYS D 104 -2.39 4.24 12.52
CA LYS D 104 -2.92 5.13 11.52
C LYS D 104 -4.19 4.53 10.92
N ILE D 105 -4.15 3.24 10.61
CA ILE D 105 -5.34 2.59 10.02
C ILE D 105 -6.55 2.54 10.97
N ILE D 106 -6.27 2.28 12.25
CA ILE D 106 -7.34 2.28 13.25
C ILE D 106 -8.03 3.64 13.02
N HIS D 107 -7.25 4.75 13.01
CA HIS D 107 -7.92 6.03 12.77
C HIS D 107 -8.37 6.41 11.38
N ASP D 108 -7.86 5.75 10.33
CA ASP D 108 -8.35 6.10 8.99
C ASP D 108 -9.63 5.36 8.79
N PHE D 109 -9.80 4.24 9.50
CA PHE D 109 -11.01 3.44 9.34
C PHE D 109 -11.87 3.22 10.57
N PRO D 110 -12.14 4.29 11.30
CA PRO D 110 -12.96 4.15 12.49
C PRO D 110 -14.07 3.11 12.33
N GLN D 111 -14.91 3.27 11.31
CA GLN D 111 -16.00 2.34 11.07
C GLN D 111 -15.72 0.81 11.17
N PHE D 112 -14.46 0.38 11.09
CA PHE D 112 -14.12 -1.05 11.18
C PHE D 112 -13.17 -1.32 12.33
N TYR D 113 -13.33 -0.55 13.40
CA TYR D 113 -12.53 -0.74 14.59
C TYR D 113 -12.99 0.40 15.43
N PRO D 114 -14.30 0.44 15.72
CA PRO D 114 -14.89 1.49 16.52
C PRO D 114 -14.30 1.67 17.90
N LEU D 115 -14.64 2.76 18.53
CA LEU D 115 -14.11 3.02 19.85
C LEU D 115 -15.29 3.37 20.69
N GLY D 116 -15.51 2.60 21.75
CA GLY D 116 -16.65 2.84 22.60
C GLY D 116 -17.82 2.11 21.96
N ILE D 117 -18.87 1.85 22.74
CA ILE D 117 -20.03 1.13 22.23
C ILE D 117 -20.74 1.90 21.10
N GLN E 1 -16.99 -23.95 11.36
CA GLN E 1 -16.82 -23.01 10.22
C GLN E 1 -16.03 -21.67 10.51
N HIS E 2 -16.25 -20.67 9.64
CA HIS E 2 -15.56 -19.35 9.64
C HIS E 2 -15.41 -18.52 10.90
N ILE E 3 -14.19 -18.08 11.20
CA ILE E 3 -14.02 -17.30 12.43
C ILE E 3 -13.53 -15.84 12.21
N VAL E 4 -14.34 -14.91 12.74
CA VAL E 4 -14.24 -13.45 12.67
C VAL E 4 -13.50 -12.73 13.77
N PRO E 5 -12.38 -12.10 13.45
CA PRO E 5 -11.60 -11.38 14.46
C PRO E 5 -12.31 -10.06 14.75
N CYS E 6 -12.62 -9.80 16.02
CA CYS E 6 -13.28 -8.55 16.39
C CYS E 6 -12.63 -7.82 17.50
N THR E 7 -13.31 -6.77 17.90
CA THR E 7 -12.83 -5.95 18.97
C THR E 7 -14.01 -6.04 19.90
N ILE E 8 -13.75 -5.94 21.19
CA ILE E 8 -14.79 -6.00 22.18
C ILE E 8 -15.81 -4.91 21.85
N SER E 9 -15.35 -3.74 21.47
CA SER E 9 -16.29 -2.68 21.18
C SER E 9 -17.28 -3.18 20.11
N GLN E 10 -16.81 -4.00 19.18
CA GLN E 10 -17.71 -4.46 18.14
C GLN E 10 -18.76 -5.42 18.70
N LEU E 11 -18.41 -6.11 19.77
CA LEU E 11 -19.31 -7.06 20.38
C LEU E 11 -20.32 -6.28 21.22
N LEU E 12 -19.87 -5.67 22.33
CA LEU E 12 -20.84 -4.92 23.14
C LEU E 12 -21.88 -4.26 22.25
N SER E 13 -21.47 -3.93 21.04
CA SER E 13 -22.37 -3.26 20.14
C SER E 13 -23.34 -4.15 19.38
N ALA E 14 -22.85 -5.28 18.86
CA ALA E 14 -23.67 -6.22 18.10
C ALA E 14 -25.15 -6.30 18.49
N THR E 15 -25.98 -6.52 17.49
CA THR E 15 -27.40 -6.67 17.72
C THR E 15 -27.67 -8.13 17.47
N LEU E 16 -28.67 -8.64 18.19
CA LEU E 16 -29.02 -10.04 18.10
C LEU E 16 -30.41 -10.29 17.55
N VAL E 17 -31.10 -9.26 17.09
CA VAL E 17 -32.43 -9.45 16.51
C VAL E 17 -32.32 -10.64 15.53
N ASP E 18 -33.46 -11.14 15.04
CA ASP E 18 -33.57 -12.32 14.14
C ASP E 18 -32.81 -13.59 14.60
N GLU E 19 -32.63 -13.72 15.92
CA GLU E 19 -31.90 -14.84 16.49
C GLU E 19 -30.67 -15.06 15.62
N VAL E 20 -29.67 -14.23 15.90
CA VAL E 20 -28.42 -14.22 15.17
C VAL E 20 -27.67 -13.00 15.67
N PHE E 21 -26.38 -12.91 15.34
CA PHE E 21 -25.59 -11.78 15.79
C PHE E 21 -24.99 -11.02 14.67
N ARG E 22 -25.22 -9.71 14.68
CA ARG E 22 -24.73 -8.88 13.61
C ARG E 22 -23.99 -7.62 14.03
N ILE E 23 -22.67 -7.57 13.82
CA ILE E 23 -21.96 -6.34 14.12
C ILE E 23 -22.02 -5.71 12.73
N GLY E 24 -22.49 -4.47 12.65
CA GLY E 24 -22.67 -3.87 11.35
C GLY E 24 -23.75 -4.77 10.76
N ASN E 25 -23.50 -5.37 9.61
CA ASN E 25 -24.49 -6.26 9.04
C ASN E 25 -23.82 -7.61 8.93
N VAL E 26 -22.65 -7.72 9.55
CA VAL E 26 -21.89 -8.97 9.56
C VAL E 26 -22.38 -9.82 10.72
N GLU E 27 -22.77 -11.04 10.40
CA GLU E 27 -23.24 -11.94 11.44
C GLU E 27 -22.06 -12.73 11.95
N ILE E 28 -21.89 -12.74 13.26
CA ILE E 28 -20.78 -13.47 13.81
C ILE E 28 -21.13 -14.68 14.63
N SER E 29 -20.38 -15.74 14.39
CA SER E 29 -20.54 -17.01 15.07
C SER E 29 -19.41 -17.08 16.11
N GLN E 30 -18.35 -17.73 15.65
CA GLN E 30 -17.17 -17.83 16.45
C GLN E 30 -16.42 -16.48 16.18
N VAL E 31 -15.48 -16.15 17.06
CA VAL E 31 -14.70 -14.94 16.95
C VAL E 31 -13.37 -15.04 17.69
N THR E 32 -12.50 -14.08 17.48
CA THR E 32 -11.22 -14.07 18.16
C THR E 32 -11.07 -12.68 18.60
N ILE E 33 -10.27 -12.49 19.62
CA ILE E 33 -10.04 -11.17 20.08
C ILE E 33 -8.76 -11.23 20.81
N VAL E 34 -7.96 -10.17 20.71
CA VAL E 34 -6.73 -10.23 21.48
C VAL E 34 -7.03 -9.14 22.48
N GLY E 35 -6.43 -9.30 23.65
CA GLY E 35 -6.63 -8.34 24.69
C GLY E 35 -5.74 -8.80 25.80
N ILE E 36 -5.62 -7.91 26.78
CA ILE E 36 -4.84 -8.21 27.95
C ILE E 36 -5.82 -8.56 29.10
N ILE E 37 -5.34 -9.46 29.95
CA ILE E 37 -6.07 -10.00 31.10
C ILE E 37 -5.99 -9.08 32.29
N ARG E 38 -7.14 -8.57 32.72
CA ARG E 38 -7.15 -7.67 33.87
C ARG E 38 -7.43 -8.34 35.21
N HIS E 39 -8.28 -9.37 35.18
CA HIS E 39 -8.72 -10.12 36.37
C HIS E 39 -8.93 -11.57 35.98
N ALA E 40 -8.78 -12.46 36.94
CA ALA E 40 -9.01 -13.87 36.69
C ALA E 40 -9.50 -14.49 37.99
N GLU E 41 -10.61 -15.22 37.91
CA GLU E 41 -11.14 -15.91 39.07
C GLU E 41 -11.30 -17.35 38.71
N LYS E 42 -10.76 -18.22 39.57
CA LYS E 42 -10.89 -19.67 39.39
C LYS E 42 -12.24 -19.87 40.08
N ALA E 43 -13.18 -20.45 39.37
CA ALA E 43 -14.43 -20.66 39.99
C ALA E 43 -14.45 -22.15 40.12
N PRO E 44 -15.62 -22.78 40.30
CA PRO E 44 -15.43 -24.23 40.41
C PRO E 44 -15.82 -24.94 39.10
N THR E 45 -16.62 -24.26 38.28
CA THR E 45 -17.08 -24.89 37.05
C THR E 45 -16.41 -24.36 35.80
N ASN E 46 -15.73 -23.23 35.91
CA ASN E 46 -15.06 -22.63 34.76
C ASN E 46 -14.32 -21.39 35.22
N ILE E 47 -13.33 -20.92 34.45
CA ILE E 47 -12.61 -19.73 34.89
C ILE E 47 -13.29 -18.50 34.35
N VAL E 48 -13.01 -17.35 34.97
CA VAL E 48 -13.60 -16.13 34.46
C VAL E 48 -12.59 -15.01 34.46
N TYR E 49 -12.15 -14.69 33.24
CA TYR E 49 -11.16 -13.63 33.05
C TYR E 49 -11.85 -12.39 32.51
N LYS E 50 -11.39 -11.25 32.97
CA LYS E 50 -11.90 -10.01 32.49
C LYS E 50 -10.76 -9.56 31.52
N ILE E 51 -11.12 -9.48 30.23
CA ILE E 51 -10.16 -9.10 29.21
C ILE E 51 -10.39 -7.76 28.51
N ASP E 52 -9.30 -6.96 28.46
CA ASP E 52 -9.28 -5.62 27.86
C ASP E 52 -8.55 -5.55 26.54
N ASP E 53 -9.15 -4.86 25.58
CA ASP E 53 -8.50 -4.65 24.30
C ASP E 53 -8.55 -3.12 24.05
N MET E 54 -8.89 -2.42 25.12
CA MET E 54 -8.95 -0.97 25.11
C MET E 54 -10.04 -0.30 24.28
N THR E 55 -10.67 -1.04 23.37
CA THR E 55 -11.70 -0.44 22.57
C THR E 55 -12.94 -0.06 23.38
N ALA E 56 -13.13 -0.75 24.50
CA ALA E 56 -14.27 -0.51 25.38
C ALA E 56 -13.88 -0.93 26.77
N ALA E 57 -14.88 -1.24 27.62
CA ALA E 57 -14.64 -1.71 29.00
C ALA E 57 -14.23 -3.16 28.86
N PRO E 58 -13.31 -3.64 29.68
CA PRO E 58 -12.96 -5.05 29.48
C PRO E 58 -14.18 -5.98 29.62
N MET E 59 -14.39 -6.89 28.67
CA MET E 59 -15.54 -7.82 28.63
C MET E 59 -15.17 -9.18 29.25
N ASP E 60 -16.20 -9.92 29.75
CA ASP E 60 -15.96 -11.23 30.38
C ASP E 60 -15.85 -12.40 29.49
N VAL E 61 -14.81 -13.15 29.77
CA VAL E 61 -14.54 -14.32 29.01
C VAL E 61 -14.52 -15.42 30.02
N ARG E 62 -15.27 -16.46 29.67
CA ARG E 62 -15.42 -17.66 30.47
C ARG E 62 -14.90 -18.90 29.78
N GLN E 63 -14.04 -19.63 30.47
CA GLN E 63 -13.53 -20.90 29.92
C GLN E 63 -13.91 -21.98 30.95
N TRP E 64 -14.53 -23.06 30.44
CA TRP E 64 -14.94 -24.15 31.31
C TRP E 64 -13.77 -25.04 31.60
N VAL E 65 -13.32 -24.98 32.85
CA VAL E 65 -12.18 -25.74 33.32
C VAL E 65 -12.68 -26.94 34.14
N ASP E 66 -12.02 -28.08 33.99
CA ASP E 66 -12.36 -29.33 34.71
C ASP E 66 -11.74 -29.58 36.08
N THR E 67 -12.39 -30.45 36.85
CA THR E 67 -11.88 -30.73 38.18
C THR E 67 -12.36 -32.07 38.74
N ASP E 68 -11.86 -33.16 38.17
CA ASP E 68 -12.21 -34.49 38.63
C ASP E 68 -11.02 -35.04 39.39
N ASN E 74 -6.07 -26.12 37.20
CA ASN E 74 -6.25 -24.93 38.04
C ASN E 74 -5.25 -23.83 37.63
N THR E 75 -4.44 -24.11 36.61
CA THR E 75 -3.45 -23.14 36.12
C THR E 75 -4.11 -22.03 35.28
N VAL E 76 -4.33 -20.89 35.93
CA VAL E 76 -4.97 -19.70 35.33
C VAL E 76 -3.95 -18.82 34.60
N VAL E 77 -4.37 -18.06 33.58
CA VAL E 77 -3.40 -17.15 32.93
C VAL E 77 -3.26 -15.91 33.84
N PRO E 78 -2.04 -15.65 34.31
CA PRO E 78 -1.84 -14.50 35.20
C PRO E 78 -2.33 -13.17 34.67
N PRO E 79 -2.71 -12.26 35.57
CA PRO E 79 -3.17 -10.96 35.05
C PRO E 79 -2.06 -10.12 34.43
N GLU E 80 -2.48 -9.17 33.60
CA GLU E 80 -1.56 -8.29 32.90
C GLU E 80 -0.70 -9.07 31.84
N THR E 81 -1.27 -10.13 31.27
CA THR E 81 -0.57 -10.85 30.21
C THR E 81 -1.51 -10.85 29.02
N TYR E 82 -0.90 -10.84 27.84
CA TYR E 82 -1.63 -10.75 26.61
C TYR E 82 -2.04 -12.08 26.00
N VAL E 83 -3.34 -12.21 25.74
CA VAL E 83 -3.83 -13.44 25.14
C VAL E 83 -4.80 -13.29 23.94
N LYS E 84 -4.74 -14.24 23.01
CA LYS E 84 -5.71 -14.24 21.93
C LYS E 84 -6.81 -15.20 22.48
N VAL E 85 -8.00 -15.17 21.90
CA VAL E 85 -9.07 -16.00 22.40
C VAL E 85 -10.07 -16.42 21.35
N ALA E 86 -10.11 -17.72 21.02
CA ALA E 86 -11.11 -18.24 20.07
C ALA E 86 -12.35 -18.42 20.95
N GLY E 87 -13.53 -18.24 20.39
CA GLY E 87 -14.76 -18.34 21.18
C GLY E 87 -16.00 -17.84 20.46
N HIS E 88 -17.10 -17.62 21.16
CA HIS E 88 -18.25 -17.09 20.43
C HIS E 88 -19.07 -16.20 21.30
N LEU E 89 -19.64 -15.20 20.64
CA LEU E 89 -20.41 -14.21 21.33
C LEU E 89 -21.63 -14.86 21.90
N ARG E 90 -21.74 -14.70 23.20
CA ARG E 90 -22.89 -15.25 23.89
C ARG E 90 -23.60 -14.12 24.61
N SER E 91 -24.75 -13.74 24.06
CA SER E 91 -25.57 -12.70 24.63
C SER E 91 -26.43 -13.35 25.70
N PHE E 92 -26.57 -12.68 26.84
CA PHE E 92 -27.39 -13.22 27.92
C PHE E 92 -28.04 -12.15 28.81
N GLN E 93 -29.31 -11.84 28.51
CA GLN E 93 -30.09 -10.83 29.25
C GLN E 93 -29.52 -9.49 28.86
N ASN E 94 -29.25 -9.32 27.58
CA ASN E 94 -28.65 -8.09 27.07
C ASN E 94 -27.43 -7.82 28.00
N LYS E 95 -26.43 -8.68 27.88
CA LYS E 95 -25.20 -8.61 28.66
C LYS E 95 -24.20 -9.53 27.96
N LYS E 96 -23.71 -9.08 26.81
CA LYS E 96 -22.76 -9.82 25.97
C LYS E 96 -21.55 -10.43 26.74
N SER E 97 -21.15 -11.66 26.38
CA SER E 97 -20.04 -12.36 27.02
C SER E 97 -19.32 -13.21 26.01
N LEU E 98 -18.18 -13.74 26.42
CA LEU E 98 -17.43 -14.60 25.52
C LEU E 98 -17.21 -15.97 26.12
N VAL E 99 -17.56 -16.95 25.34
CA VAL E 99 -17.40 -18.31 25.73
C VAL E 99 -16.17 -18.72 24.97
N ALA E 100 -15.21 -19.20 25.73
CA ALA E 100 -13.90 -19.52 25.22
C ALA E 100 -13.44 -20.89 24.73
N PHE E 101 -13.61 -21.26 23.46
CA PHE E 101 -13.05 -22.56 23.00
C PHE E 101 -11.61 -22.54 23.47
N LYS E 102 -10.80 -21.69 22.83
CA LYS E 102 -9.41 -21.61 23.23
C LYS E 102 -9.02 -20.31 23.90
N ILE E 103 -7.85 -20.33 24.55
CA ILE E 103 -7.26 -19.16 25.22
C ILE E 103 -5.76 -19.40 25.28
N MET E 104 -5.04 -18.83 24.30
CA MET E 104 -3.58 -19.00 24.16
C MET E 104 -2.91 -17.68 24.51
N PRO E 105 -1.79 -17.69 25.30
CA PRO E 105 -1.12 -16.41 25.60
C PRO E 105 -0.25 -16.11 24.36
N LEU E 106 0.08 -14.85 24.11
CA LEU E 106 0.91 -14.52 22.93
C LEU E 106 2.38 -14.60 23.31
N GLU E 107 3.16 -15.29 22.49
CA GLU E 107 4.60 -15.41 22.74
C GLU E 107 5.30 -14.27 22.01
N ASP E 108 4.77 -13.96 20.84
CA ASP E 108 5.26 -12.92 19.98
C ASP E 108 4.22 -11.82 19.92
N MET E 109 4.51 -10.67 20.55
CA MET E 109 3.53 -9.58 20.61
C MET E 109 3.14 -8.99 19.28
N ASN E 110 3.81 -9.41 18.22
CA ASN E 110 3.49 -8.90 16.88
C ASN E 110 2.08 -9.31 16.44
N GLU E 111 1.67 -10.46 17.02
CA GLU E 111 0.40 -11.12 16.81
C GLU E 111 -0.66 -10.19 17.32
N PHE E 112 -0.32 -9.47 18.38
CA PHE E 112 -1.22 -8.49 18.96
C PHE E 112 -1.50 -7.43 17.92
N THR E 113 -0.43 -6.91 17.29
CA THR E 113 -0.55 -5.87 16.26
C THR E 113 -1.35 -6.42 15.10
N THR E 114 -0.88 -7.53 14.57
CA THR E 114 -1.59 -8.12 13.45
C THR E 114 -3.11 -8.26 13.60
N HIS E 115 -3.58 -8.57 14.82
CA HIS E 115 -5.02 -8.74 15.08
C HIS E 115 -5.81 -7.49 14.71
N ILE E 116 -5.33 -6.34 15.20
CA ILE E 116 -5.93 -5.01 14.94
C ILE E 116 -6.15 -4.92 13.46
N LEU E 117 -5.13 -5.34 12.71
CA LEU E 117 -5.22 -5.29 11.26
C LEU E 117 -6.21 -6.28 10.73
N GLU E 118 -6.11 -7.51 11.22
CA GLU E 118 -7.02 -8.59 10.86
C GLU E 118 -8.48 -8.16 11.13
N VAL E 119 -8.68 -7.52 12.27
CA VAL E 119 -9.99 -7.05 12.58
C VAL E 119 -10.51 -6.13 11.51
N ILE E 120 -9.81 -5.01 11.32
CA ILE E 120 -10.23 -3.98 10.38
C ILE E 120 -10.27 -4.51 9.00
N ASN E 121 -9.30 -5.34 8.68
CA ASN E 121 -9.28 -5.89 7.34
C ASN E 121 -10.53 -6.71 7.07
N ALA E 122 -10.72 -7.71 7.92
CA ALA E 122 -11.82 -8.61 7.87
C ALA E 122 -13.19 -7.90 7.82
N HIS E 123 -13.46 -6.97 8.73
CA HIS E 123 -14.76 -6.33 8.64
C HIS E 123 -15.01 -5.50 7.38
N MET E 124 -13.96 -4.92 6.77
CA MET E 124 -14.03 -4.11 5.53
C MET E 124 -14.49 -5.05 4.39
N VAL E 125 -13.79 -6.19 4.30
CA VAL E 125 -14.07 -7.24 3.31
C VAL E 125 -15.43 -7.83 3.49
N LEU E 126 -15.77 -8.19 4.71
CA LEU E 126 -17.06 -8.77 4.95
C LEU E 126 -18.17 -7.79 4.61
N SER E 127 -18.16 -6.60 5.21
CA SER E 127 -19.22 -5.61 5.02
C SER E 127 -19.79 -5.37 3.62
N LYS E 128 -18.93 -5.48 2.61
CA LYS E 128 -19.30 -5.28 1.20
C LYS E 128 -18.07 -4.74 0.46
N ASN F 4 5.45 -13.48 -6.64
CA ASN F 4 6.04 -14.69 -6.00
C ASN F 4 4.91 -15.65 -5.56
N THR F 5 4.61 -15.66 -4.25
CA THR F 5 3.57 -16.49 -3.62
C THR F 5 2.17 -16.17 -4.07
N ASN F 6 1.27 -17.15 -4.08
CA ASN F 6 -0.10 -16.89 -4.50
C ASN F 6 -1.11 -16.71 -3.35
N TRP F 7 -0.83 -15.84 -2.40
CA TRP F 7 -1.77 -15.65 -1.27
C TRP F 7 -3.22 -15.53 -1.71
N LYS F 8 -4.11 -16.33 -1.15
CA LYS F 8 -5.52 -16.21 -1.48
C LYS F 8 -6.44 -16.48 -0.27
N THR F 9 -7.58 -15.79 -0.17
CA THR F 9 -8.42 -16.06 0.98
C THR F 9 -9.16 -17.29 0.52
N LEU F 10 -9.83 -17.99 1.43
CA LEU F 10 -10.49 -19.19 1.03
C LEU F 10 -11.67 -18.80 0.14
N TYR F 11 -12.41 -17.78 0.52
CA TYR F 11 -13.52 -17.38 -0.33
C TYR F 11 -13.02 -17.01 -1.72
N GLU F 12 -11.72 -16.71 -1.83
CA GLU F 12 -11.19 -16.36 -3.13
C GLU F 12 -10.90 -17.66 -3.83
N VAL F 13 -10.32 -18.62 -3.11
CA VAL F 13 -9.98 -19.90 -3.72
C VAL F 13 -11.24 -20.50 -4.27
N LYS F 14 -12.31 -20.45 -3.48
CA LYS F 14 -13.55 -20.99 -3.98
C LYS F 14 -14.01 -20.10 -5.12
N SER F 15 -14.29 -18.83 -4.83
CA SER F 15 -14.78 -17.91 -5.85
C SER F 15 -14.13 -18.09 -7.22
N GLU F 16 -12.86 -17.75 -7.32
CA GLU F 16 -12.10 -17.86 -8.58
C GLU F 16 -12.10 -19.29 -9.17
N ASN F 17 -12.73 -20.20 -8.47
CA ASN F 17 -12.85 -21.57 -8.91
C ASN F 17 -11.59 -22.36 -9.20
N LEU F 18 -10.53 -22.15 -8.43
CA LEU F 18 -9.30 -22.91 -8.65
C LEU F 18 -9.67 -24.35 -8.53
N GLY F 19 -9.21 -25.18 -9.45
CA GLY F 19 -9.53 -26.60 -9.36
C GLY F 19 -10.22 -27.17 -10.58
N GLN F 20 -10.87 -26.32 -11.36
CA GLN F 20 -11.54 -26.77 -12.57
C GLN F 20 -10.54 -26.99 -13.69
N GLY F 21 -9.66 -26.02 -13.88
CA GLY F 21 -8.66 -26.16 -14.92
C GLY F 21 -8.14 -27.58 -15.06
N ASP F 22 -7.58 -27.88 -16.22
CA ASP F 22 -7.04 -29.22 -16.47
C ASP F 22 -5.85 -29.57 -15.59
N LYS F 23 -5.04 -28.58 -15.22
CA LYS F 23 -3.90 -28.86 -14.32
C LYS F 23 -4.24 -28.26 -12.98
N PRO F 24 -3.55 -28.72 -11.93
CA PRO F 24 -3.81 -28.19 -10.60
C PRO F 24 -3.52 -26.70 -10.40
N ASP F 25 -3.71 -26.23 -9.17
CA ASP F 25 -3.48 -24.84 -8.74
C ASP F 25 -2.88 -24.94 -7.36
N TYR F 26 -2.17 -23.90 -6.97
CA TYR F 26 -1.55 -23.85 -5.65
C TYR F 26 -1.80 -22.48 -5.08
N PHE F 27 -2.19 -22.40 -3.82
CA PHE F 27 -2.36 -21.11 -3.20
C PHE F 27 -1.77 -21.27 -1.84
N SER F 28 -1.81 -20.20 -1.07
CA SER F 28 -1.31 -20.23 0.29
C SER F 28 -2.26 -19.39 1.05
N SER F 29 -2.36 -19.67 2.33
CA SER F 29 -3.21 -18.85 3.14
C SER F 29 -2.82 -19.03 4.52
N VAL F 30 -3.46 -18.21 5.34
CA VAL F 30 -3.24 -18.24 6.75
C VAL F 30 -4.62 -18.58 7.22
N ALA F 31 -4.73 -19.72 7.88
CA ALA F 31 -6.03 -20.10 8.38
C ALA F 31 -5.87 -20.84 9.67
N THR F 32 -7.02 -21.02 10.31
CA THR F 32 -7.08 -21.73 11.56
C THR F 32 -7.78 -23.08 11.40
N VAL F 33 -7.16 -24.08 12.01
CA VAL F 33 -7.72 -25.40 12.00
C VAL F 33 -8.96 -25.19 12.85
N VAL F 34 -10.11 -25.47 12.29
CA VAL F 34 -11.36 -25.24 12.99
C VAL F 34 -11.94 -26.55 13.50
N TYR F 35 -11.50 -27.65 12.86
CA TYR F 35 -11.96 -29.00 13.18
C TYR F 35 -11.07 -30.06 12.58
N LEU F 36 -11.03 -31.20 13.27
CA LEU F 36 -10.28 -32.33 12.79
C LEU F 36 -11.22 -33.54 12.90
N ARG F 37 -11.11 -34.46 11.93
CA ARG F 37 -11.88 -35.70 11.85
C ARG F 37 -10.87 -36.80 12.08
N LYS F 38 -10.90 -37.36 13.29
CA LYS F 38 -10.00 -38.45 13.67
C LYS F 38 -10.41 -39.77 12.99
N GLU F 39 -11.62 -39.78 12.41
CA GLU F 39 -12.24 -40.93 11.70
C GLU F 39 -11.42 -41.89 10.89
N ASN F 40 -10.36 -41.42 10.26
CA ASN F 40 -9.59 -42.35 9.45
C ASN F 40 -8.12 -42.11 9.74
N CYS F 41 -7.81 -40.86 10.04
CA CYS F 41 -6.49 -40.40 10.38
C CYS F 41 -5.30 -41.41 10.21
N MET F 42 -5.47 -42.64 10.68
CA MET F 42 -4.40 -43.63 10.54
C MET F 42 -4.76 -44.74 9.54
N TYR F 43 -3.73 -45.45 9.09
CA TYR F 43 -3.90 -46.58 8.21
C TYR F 43 -2.59 -47.38 8.23
N GLN F 44 -2.71 -48.68 7.99
CA GLN F 44 -1.60 -49.62 8.01
C GLN F 44 -0.83 -49.56 6.70
N ALA F 45 0.50 -49.46 6.74
CA ALA F 45 1.21 -49.33 5.47
C ALA F 45 2.42 -50.19 5.21
N CYS F 46 2.61 -50.55 3.95
CA CYS F 46 3.75 -51.37 3.57
C CYS F 46 4.94 -50.86 4.37
N PRO F 47 5.51 -51.75 5.15
CA PRO F 47 6.67 -51.39 5.98
C PRO F 47 7.98 -51.54 5.22
N THR F 48 7.94 -51.37 3.90
CA THR F 48 9.18 -51.37 3.12
C THR F 48 9.31 -49.83 3.03
N GLN F 49 10.48 -49.26 3.26
CA GLN F 49 10.57 -47.81 3.24
C GLN F 49 10.10 -47.28 1.91
N ASP F 50 9.36 -46.16 1.88
CA ASP F 50 8.85 -45.62 0.60
C ASP F 50 7.70 -46.18 -0.19
N CYS F 51 7.03 -47.21 0.28
CA CYS F 51 5.86 -47.64 -0.45
C CYS F 51 4.97 -47.26 0.72
N ASN F 52 3.75 -46.95 0.48
CA ASN F 52 2.87 -46.60 1.61
C ASN F 52 1.42 -46.92 1.26
N LYS F 53 1.29 -48.13 0.72
CA LYS F 53 -0.04 -48.61 0.34
C LYS F 53 -0.72 -49.17 1.60
N LYS F 54 -2.05 -49.15 1.59
CA LYS F 54 -2.83 -49.68 2.71
C LYS F 54 -2.79 -51.25 2.72
N VAL F 55 -1.68 -51.83 3.21
CA VAL F 55 -1.53 -53.28 3.30
C VAL F 55 -2.82 -53.93 3.75
N ILE F 56 -3.11 -55.11 3.20
CA ILE F 56 -4.31 -55.84 3.61
C ILE F 56 -3.92 -56.73 4.78
N ASP F 57 -4.82 -56.81 5.76
CA ASP F 57 -4.63 -57.62 6.96
C ASP F 57 -5.12 -58.99 6.57
N GLN F 58 -4.19 -59.94 6.47
CA GLN F 58 -4.59 -61.27 6.07
C GLN F 58 -5.27 -62.00 7.24
N GLN F 59 -5.45 -61.27 8.35
CA GLN F 59 -6.08 -61.80 9.54
C GLN F 59 -5.25 -62.91 10.12
N ASN F 60 -4.16 -63.25 9.44
CA ASN F 60 -3.29 -64.29 9.95
C ASN F 60 -2.01 -63.69 10.52
N GLY F 61 -2.05 -62.41 10.83
CA GLY F 61 -0.89 -61.79 11.42
C GLY F 61 0.17 -61.57 10.37
N LEU F 62 -0.32 -61.29 9.17
CA LEU F 62 0.52 -61.01 8.04
C LEU F 62 -0.30 -60.02 7.28
N TYR F 63 0.37 -59.08 6.62
CA TYR F 63 -0.33 -58.09 5.81
C TYR F 63 0.28 -58.09 4.42
N ARG F 64 -0.54 -57.89 3.40
CA ARG F 64 -0.01 -57.87 2.04
C ARG F 64 -0.24 -56.53 1.35
N CYS F 65 0.78 -56.10 0.60
CA CYS F 65 0.76 -54.84 -0.16
C CYS F 65 0.64 -55.20 -1.62
N GLU F 66 -0.54 -54.98 -2.20
CA GLU F 66 -0.73 -55.30 -3.62
C GLU F 66 0.14 -54.48 -4.58
N LYS F 67 1.06 -53.67 -4.08
CA LYS F 67 1.93 -52.92 -4.96
C LYS F 67 3.27 -53.64 -5.01
N CYS F 68 3.90 -53.81 -3.85
CA CYS F 68 5.18 -54.50 -3.81
C CYS F 68 4.99 -55.99 -4.10
N ASP F 69 3.73 -56.46 -4.05
CA ASP F 69 3.37 -57.86 -4.21
C ASP F 69 4.10 -58.62 -3.10
N THR F 70 3.83 -58.23 -1.86
CA THR F 70 4.47 -58.86 -0.72
C THR F 70 3.66 -58.95 0.56
N GLU F 71 3.83 -60.06 1.27
CA GLU F 71 3.15 -60.26 2.52
C GLU F 71 4.22 -59.98 3.53
N PHE F 72 3.87 -59.23 4.56
CA PHE F 72 4.80 -58.92 5.61
C PHE F 72 4.09 -59.22 6.91
N PRO F 73 4.86 -59.30 8.00
CA PRO F 73 4.30 -59.57 9.31
C PRO F 73 4.07 -58.24 10.06
N ASN F 74 5.02 -57.34 9.91
CA ASN F 74 5.02 -56.06 10.57
C ASN F 74 4.21 -54.87 10.05
N PHE F 75 4.51 -53.71 10.62
CA PHE F 75 3.82 -52.46 10.32
C PHE F 75 4.59 -51.19 10.04
N LYS F 76 3.79 -50.13 10.02
CA LYS F 76 4.19 -48.76 9.78
C LYS F 76 2.83 -48.10 9.64
N TYR F 77 2.49 -47.28 10.63
CA TYR F 77 1.23 -46.55 10.68
C TYR F 77 1.44 -45.25 9.90
N ARG F 78 0.39 -44.79 9.23
CA ARG F 78 0.53 -43.54 8.50
C ARG F 78 -0.68 -42.67 8.64
N MET F 79 -0.38 -41.38 8.74
CA MET F 79 -1.39 -40.36 8.90
C MET F 79 -1.95 -39.90 7.55
N ILE F 80 -3.21 -39.50 7.57
CA ILE F 80 -3.84 -38.96 6.41
C ILE F 80 -5.11 -38.36 6.96
N LEU F 81 -4.86 -37.25 7.66
CA LEU F 81 -5.84 -36.46 8.37
C LEU F 81 -6.75 -35.56 7.57
N SER F 82 -8.04 -35.57 7.84
CA SER F 82 -8.91 -34.67 7.13
C SER F 82 -9.10 -33.48 8.10
N VAL F 83 -8.60 -32.32 7.65
CA VAL F 83 -8.69 -31.12 8.43
C VAL F 83 -9.61 -30.09 7.85
N ASN F 84 -10.28 -29.37 8.74
CA ASN F 84 -11.18 -28.32 8.28
C ASN F 84 -10.61 -27.00 8.77
N ILE F 85 -10.27 -26.14 7.81
CA ILE F 85 -9.67 -24.87 8.16
C ILE F 85 -10.53 -23.71 7.79
N ALA F 86 -10.35 -22.61 8.50
CA ALA F 86 -11.16 -21.41 8.23
C ALA F 86 -10.45 -20.05 8.42
N ASP F 87 -11.04 -19.05 7.80
CA ASP F 87 -10.53 -17.71 7.92
C ASP F 87 -11.72 -16.84 8.22
N PHE F 88 -11.50 -15.54 8.33
CA PHE F 88 -12.56 -14.60 8.65
C PHE F 88 -13.80 -14.67 7.74
N GLN F 89 -13.72 -15.40 6.65
CA GLN F 89 -14.84 -15.40 5.75
C GLN F 89 -15.34 -16.72 5.13
N GLU F 90 -14.54 -17.78 5.24
CA GLU F 90 -14.88 -19.10 4.72
C GLU F 90 -14.03 -20.15 5.36
N ASN F 91 -14.39 -21.40 5.08
CA ASN F 91 -13.63 -22.55 5.58
C ASN F 91 -13.47 -23.46 4.42
N GLN F 92 -12.69 -24.50 4.62
CA GLN F 92 -12.43 -25.40 3.54
C GLN F 92 -11.85 -26.68 4.08
N TRP F 93 -12.22 -27.79 3.45
CA TRP F 93 -11.72 -29.08 3.88
C TRP F 93 -10.53 -29.44 3.06
N VAL F 94 -9.46 -29.80 3.72
CA VAL F 94 -8.30 -30.18 2.97
C VAL F 94 -7.98 -31.56 3.48
N THR F 95 -6.84 -32.13 3.09
CA THR F 95 -6.50 -33.44 3.63
C THR F 95 -4.99 -33.34 3.80
N CYS F 96 -4.50 -33.66 4.99
CA CYS F 96 -3.06 -33.56 5.29
C CYS F 96 -2.40 -34.93 5.43
N PHE F 97 -1.41 -35.22 4.59
CA PHE F 97 -0.71 -36.48 4.64
C PHE F 97 0.32 -36.48 5.74
N GLN F 98 1.09 -37.56 5.81
CA GLN F 98 2.13 -37.72 6.81
C GLN F 98 2.81 -36.44 7.31
N GLU F 99 3.72 -35.93 6.51
CA GLU F 99 4.48 -34.71 6.85
C GLU F 99 3.67 -33.57 7.53
N SER F 100 2.68 -33.03 6.84
CA SER F 100 1.91 -31.95 7.40
C SER F 100 1.20 -32.34 8.69
N ALA F 101 0.32 -33.34 8.62
CA ALA F 101 -0.44 -33.80 9.79
C ALA F 101 0.37 -33.88 11.06
N GLU F 102 1.58 -34.42 10.99
CA GLU F 102 2.45 -34.47 12.19
C GLU F 102 2.80 -33.03 12.60
N ALA F 103 2.84 -32.12 11.62
CA ALA F 103 3.14 -30.73 11.89
C ALA F 103 1.97 -30.12 12.65
N ILE F 104 0.75 -30.49 12.29
CA ILE F 104 -0.40 -29.92 12.95
C ILE F 104 -0.72 -30.48 14.33
N LEU F 105 -0.47 -31.77 14.54
CA LEU F 105 -0.76 -32.43 15.83
C LEU F 105 0.42 -32.49 16.81
N GLY F 106 1.63 -32.49 16.26
CA GLY F 106 2.81 -32.49 17.09
C GLY F 106 3.38 -33.85 17.39
N GLN F 107 2.74 -34.90 16.90
CA GLN F 107 3.20 -36.26 17.16
C GLN F 107 3.33 -37.09 15.89
N ASN F 108 4.47 -37.75 15.72
CA ASN F 108 4.68 -38.60 14.56
C ASN F 108 3.61 -39.69 14.63
N ALA F 109 2.93 -39.91 13.50
CA ALA F 109 1.86 -40.91 13.38
C ALA F 109 2.31 -42.25 13.94
N ALA F 110 3.59 -42.53 13.76
CA ALA F 110 4.22 -43.76 14.25
C ALA F 110 3.76 -43.89 15.68
N TYR F 111 4.54 -43.28 16.55
CA TYR F 111 4.27 -43.24 17.97
C TYR F 111 2.76 -42.95 18.15
N LEU F 112 2.37 -41.72 17.81
CA LEU F 112 0.98 -41.29 17.91
C LEU F 112 -0.14 -42.31 17.60
N GLY F 113 0.10 -43.26 16.70
CA GLY F 113 -0.94 -44.23 16.34
C GLY F 113 -1.27 -45.32 17.34
N GLU F 114 -0.23 -45.83 18.00
CA GLU F 114 -0.31 -46.87 19.02
C GLU F 114 -1.23 -46.37 20.12
N LEU F 115 -1.02 -45.12 20.51
CA LEU F 115 -1.84 -44.50 21.53
C LEU F 115 -3.31 -44.50 21.12
N LYS F 116 -3.57 -44.43 19.81
CA LYS F 116 -4.94 -44.42 19.34
C LYS F 116 -5.82 -45.30 20.20
N ASP F 117 -5.51 -46.59 20.24
CA ASP F 117 -6.29 -47.53 21.04
C ASP F 117 -5.91 -47.67 22.53
N LYS F 118 -4.63 -47.52 22.88
CA LYS F 118 -4.21 -47.58 24.28
C LYS F 118 -5.22 -46.81 25.15
N ASN F 119 -5.04 -45.49 25.16
CA ASN F 119 -5.89 -44.57 25.89
C ASN F 119 -6.74 -43.86 24.83
N GLU F 120 -8.03 -44.15 24.75
CA GLU F 120 -8.88 -43.51 23.75
C GLU F 120 -9.07 -42.02 24.04
N GLN F 121 -8.86 -41.64 25.30
CA GLN F 121 -9.01 -40.25 25.70
C GLN F 121 -7.68 -39.45 25.51
N ALA F 122 -6.55 -40.16 25.60
CA ALA F 122 -5.23 -39.56 25.43
C ALA F 122 -5.00 -39.20 23.96
N PHE F 123 -5.73 -39.91 23.09
CA PHE F 123 -5.69 -39.67 21.67
C PHE F 123 -6.40 -38.32 21.54
N GLU F 124 -7.64 -38.29 22.04
CA GLU F 124 -8.48 -37.08 22.04
C GLU F 124 -7.73 -35.86 22.57
N GLU F 125 -6.55 -36.10 23.15
CA GLU F 125 -5.71 -35.04 23.70
C GLU F 125 -5.27 -34.14 22.59
N VAL F 126 -4.50 -34.70 21.66
CA VAL F 126 -3.99 -33.91 20.57
C VAL F 126 -5.09 -33.31 19.75
N PHE F 127 -6.09 -34.10 19.37
CA PHE F 127 -7.19 -33.58 18.54
C PHE F 127 -8.00 -32.50 19.21
N GLN F 128 -7.44 -31.93 20.29
CA GLN F 128 -8.07 -30.84 21.05
C GLN F 128 -7.05 -29.73 21.09
N ASN F 129 -5.85 -30.07 21.54
CA ASN F 129 -4.79 -29.09 21.62
C ASN F 129 -4.41 -28.61 20.24
N ALA F 130 -4.75 -29.39 19.24
CA ALA F 130 -4.43 -29.02 17.89
C ALA F 130 -5.48 -28.11 17.35
N ASN F 131 -6.73 -28.30 17.72
CA ASN F 131 -7.79 -27.45 17.20
C ASN F 131 -7.61 -25.96 17.54
N PHE F 132 -8.23 -25.13 16.71
CA PHE F 132 -8.12 -23.67 16.82
C PHE F 132 -6.74 -23.13 16.93
N ARG F 133 -5.79 -23.71 16.19
CA ARG F 133 -4.39 -23.27 16.11
C ARG F 133 -4.27 -22.73 14.67
N SER F 134 -3.34 -21.81 14.42
CA SER F 134 -3.25 -21.24 13.08
C SER F 134 -1.96 -21.48 12.38
N PHE F 135 -2.05 -21.51 11.05
CA PHE F 135 -0.89 -21.77 10.23
C PHE F 135 -0.90 -21.09 8.87
N ILE F 136 0.25 -21.23 8.23
CA ILE F 136 0.38 -20.76 6.88
C ILE F 136 0.29 -22.07 6.11
N PHE F 137 -0.69 -22.16 5.21
CA PHE F 137 -0.87 -23.37 4.44
C PHE F 137 -0.58 -23.24 2.96
N ARG F 138 0.21 -24.17 2.44
CA ARG F 138 0.45 -24.25 1.01
C ARG F 138 -0.60 -25.32 0.57
N VAL F 139 -1.43 -25.04 -0.43
CA VAL F 139 -2.46 -26.01 -0.87
C VAL F 139 -2.62 -26.33 -2.38
N ARG F 140 -2.77 -27.61 -2.76
CA ARG F 140 -2.96 -28.05 -4.18
C ARG F 140 -4.46 -28.17 -4.41
N VAL F 141 -4.94 -28.00 -5.65
CA VAL F 141 -6.39 -28.17 -5.93
C VAL F 141 -6.80 -28.60 -7.37
N LYS F 142 -7.34 -29.82 -7.49
CA LYS F 142 -7.83 -30.39 -8.75
C LYS F 142 -9.30 -30.75 -8.51
N VAL F 143 -9.91 -31.52 -9.42
CA VAL F 143 -11.31 -31.98 -9.24
C VAL F 143 -11.43 -33.47 -9.61
N GLU F 144 -12.50 -34.15 -9.17
CA GLU F 144 -12.69 -35.58 -9.48
C GLU F 144 -13.99 -35.88 -10.24
N ILE F 152 -13.82 -30.27 -6.27
CA ILE F 152 -12.42 -29.86 -6.14
C ILE F 152 -11.80 -30.66 -5.01
N LYS F 153 -10.48 -30.61 -4.88
CA LYS F 153 -9.85 -31.40 -3.84
C LYS F 153 -8.58 -30.79 -3.25
N ALA F 154 -8.72 -30.07 -2.13
CA ALA F 154 -7.60 -29.46 -1.44
C ALA F 154 -6.64 -30.51 -0.85
N THR F 155 -5.34 -30.29 -1.01
CA THR F 155 -4.30 -31.20 -0.54
C THR F 155 -3.24 -30.32 0.13
N VAL F 156 -3.03 -30.42 1.43
CA VAL F 156 -2.02 -29.60 2.08
C VAL F 156 -0.59 -29.98 1.76
N MET F 157 0.00 -29.22 0.84
CA MET F 157 1.39 -29.40 0.41
C MET F 157 2.34 -29.03 1.55
N ASP F 158 1.99 -28.03 2.35
CA ASP F 158 2.90 -27.62 3.44
C ASP F 158 2.20 -26.80 4.51
N VAL F 159 2.70 -26.87 5.75
CA VAL F 159 2.17 -26.05 6.86
C VAL F 159 3.35 -25.42 7.64
N LYS F 160 3.42 -24.08 7.67
CA LYS F 160 4.46 -23.35 8.45
C LYS F 160 3.78 -22.55 9.56
N PRO F 161 4.44 -22.41 10.71
CA PRO F 161 3.74 -21.63 11.74
C PRO F 161 3.62 -20.18 11.23
N VAL F 162 2.47 -19.53 11.47
CA VAL F 162 2.23 -18.17 11.01
C VAL F 162 3.27 -17.15 11.43
N ASP F 163 3.70 -16.29 10.50
CA ASP F 163 4.61 -15.21 10.88
C ASP F 163 3.79 -13.91 10.93
N TYR F 164 3.58 -13.42 12.15
CA TYR F 164 2.75 -12.25 12.35
C TYR F 164 3.23 -10.91 11.81
N ARG F 165 4.55 -10.71 11.82
CA ARG F 165 5.14 -9.48 11.31
C ARG F 165 4.89 -9.38 9.79
N GLU F 166 5.29 -10.43 9.09
CA GLU F 166 5.13 -10.49 7.67
C GLU F 166 3.66 -10.55 7.29
N TYR F 167 2.89 -11.33 8.04
CA TYR F 167 1.45 -11.44 7.77
C TYR F 167 0.88 -10.02 7.94
N GLY F 168 1.47 -9.33 8.91
CA GLY F 168 1.07 -7.96 9.21
C GLY F 168 1.24 -7.02 8.04
N ARG F 169 2.44 -7.01 7.48
CA ARG F 169 2.71 -6.15 6.35
C ARG F 169 1.75 -6.48 5.22
N ARG F 170 1.65 -7.75 4.88
CA ARG F 170 0.76 -8.17 3.79
C ARG F 170 -0.58 -7.56 4.08
N LEU F 171 -0.90 -7.49 5.36
CA LEU F 171 -2.20 -6.99 5.78
C LEU F 171 -2.41 -5.51 5.58
N VAL F 172 -1.38 -4.77 5.93
CA VAL F 172 -1.39 -3.33 5.77
C VAL F 172 -1.56 -2.98 4.29
N MET F 173 -0.74 -3.60 3.43
CA MET F 173 -0.80 -3.35 2.01
C MET F 173 -2.15 -3.68 1.41
N SER F 174 -2.80 -4.76 1.83
CA SER F 174 -4.13 -5.03 1.24
C SER F 174 -5.23 -4.06 1.68
N ILE F 175 -5.19 -3.59 2.92
CA ILE F 175 -6.22 -2.66 3.36
C ILE F 175 -6.10 -1.41 2.48
N ARG F 176 -4.87 -0.93 2.34
CA ARG F 176 -4.62 0.28 1.55
C ARG F 176 -5.07 0.07 0.13
N ARG F 177 -4.58 -1.02 -0.48
CA ARG F 177 -4.93 -1.41 -1.87
C ARG F 177 -6.47 -1.31 -1.93
N SER F 178 -7.10 -1.62 -0.83
CA SER F 178 -8.54 -1.60 -0.82
C SER F 178 -9.12 -0.20 -0.96
N ALA F 179 -8.45 0.85 -0.50
CA ALA F 179 -9.07 2.19 -0.65
C ALA F 179 -8.83 2.80 -2.02
N LEU F 180 -7.97 2.17 -2.83
CA LEU F 180 -7.69 2.69 -4.16
C LEU F 180 -8.82 2.19 -5.02
N MET F 181 -9.80 1.62 -4.34
CA MET F 181 -11.01 1.09 -4.96
C MET F 181 -10.81 0.69 -6.39
ZN ZN G . 14.98 -6.63 -49.34
ZN ZN H . 4.37 -52.21 -0.53
#